data_7PD7
#
_entry.id   7PD7
#
_cell.length_a   40.947
_cell.length_b   128.117
_cell.length_c   94.295
_cell.angle_alpha   90.000
_cell.angle_beta   90.393
_cell.angle_gamma   90.000
#
_symmetry.space_group_name_H-M   'P 1 21 1'
#
loop_
_entity.id
_entity.type
_entity.pdbx_description
1 polymer Methyltransferase
2 non-polymer GLYCEROL
3 non-polymer S-ADENOSYL-L-HOMOCYSTEINE
4 water water
#
_entity_poly.entity_id   1
_entity_poly.type   'polypeptide(L)'
_entity_poly.pdbx_seq_one_letter_code
;GAMGGGGYHLFNELAHSYDLHTPPENFQHDHAFVLEEARSLGTPCRLLDVGCGTGALLEKARNAGILATGIDASPKMVEL
AQARVGQEAVTLRRMEEIDEEGAYDLVVSLCWTIHYSAGRAGLLDVLKRIHRALRPGGRGIIQIAHAAHAPKRTLESRIP
GPNGEPDDVVMLFRFRPAPTEEPSMHAEYVYACKSLNELLYENHLLSMTDAHAFAACAREAGFAQVTVYDSSKRAPFSAA
PNPLVCVEKAHDVGR
;
_entity_poly.pdbx_strand_id   A,B,C,D
#
loop_
_chem_comp.id
_chem_comp.type
_chem_comp.name
_chem_comp.formula
GOL non-polymer GLYCEROL 'C3 H8 O3'
SAH non-polymer S-ADENOSYL-L-HOMOCYSTEINE 'C14 H20 N6 O5 S'
#
# COMPACT_ATOMS: atom_id res chain seq x y z
N GLY A 5 -32.14 -2.98 9.28
CA GLY A 5 -32.17 -3.83 8.05
C GLY A 5 -32.67 -5.23 8.34
N GLY A 6 -31.92 -5.95 9.18
CA GLY A 6 -32.32 -7.27 9.62
C GLY A 6 -33.39 -7.31 10.68
N GLY A 7 -33.95 -6.15 11.04
CA GLY A 7 -35.01 -6.09 12.05
C GLY A 7 -36.40 -6.22 11.51
N TYR A 8 -36.58 -6.17 10.19
CA TYR A 8 -37.90 -6.33 9.61
C TYR A 8 -38.45 -7.71 9.94
N HIS A 9 -39.77 -7.80 10.14
CA HIS A 9 -40.38 -9.07 10.51
C HIS A 9 -40.27 -10.09 9.38
N LEU A 10 -40.25 -9.63 8.12
CA LEU A 10 -40.09 -10.55 7.00
C LEU A 10 -38.88 -11.46 7.17
N PHE A 11 -37.81 -10.94 7.77
CA PHE A 11 -36.56 -11.67 7.92
C PHE A 11 -36.40 -12.31 9.30
N ASN A 12 -37.43 -12.26 10.13
CA ASN A 12 -37.33 -12.82 11.48
C ASN A 12 -38.41 -13.86 11.69
N GLU A 13 -39.60 -13.41 12.13
CA GLU A 13 -40.72 -14.33 12.30
C GLU A 13 -41.02 -15.08 10.99
N LEU A 14 -40.89 -14.40 9.85
CA LEU A 14 -41.27 -14.97 8.56
C LEU A 14 -40.06 -15.38 7.72
N ALA A 15 -38.88 -15.52 8.33
CA ALA A 15 -37.66 -15.80 7.57
C ALA A 15 -37.81 -17.06 6.74
N HIS A 16 -38.25 -18.15 7.37
CA HIS A 16 -38.45 -19.38 6.61
C HIS A 16 -39.52 -19.22 5.53
N SER A 17 -40.56 -18.41 5.79
CA SER A 17 -41.58 -18.18 4.78
C SER A 17 -41.03 -17.39 3.60
N TYR A 18 -40.13 -16.44 3.86
CA TYR A 18 -39.48 -15.73 2.77
C TYR A 18 -38.91 -16.71 1.75
N ASP A 19 -38.25 -17.77 2.23
CA ASP A 19 -37.67 -18.75 1.33
C ASP A 19 -38.75 -19.43 0.50
N LEU A 20 -39.86 -19.81 1.13
CA LEU A 20 -40.88 -20.59 0.43
C LEU A 20 -41.54 -19.80 -0.70
N HIS A 21 -41.60 -18.47 -0.57
CA HIS A 21 -42.27 -17.65 -1.57
C HIS A 21 -41.33 -17.14 -2.65
N THR A 22 -40.07 -17.57 -2.65
CA THR A 22 -39.11 -17.17 -3.68
C THR A 22 -39.06 -18.24 -4.75
N PRO A 23 -39.40 -17.92 -6.00
CA PRO A 23 -39.46 -18.95 -7.06
C PRO A 23 -38.20 -19.79 -7.09
N PRO A 24 -38.33 -21.12 -7.13
CA PRO A 24 -37.13 -21.96 -7.24
C PRO A 24 -36.19 -21.56 -8.39
N GLU A 25 -36.68 -21.36 -9.62
CA GLU A 25 -35.77 -21.02 -10.71
C GLU A 25 -34.91 -19.82 -10.38
N ASN A 26 -35.47 -18.81 -9.72
CA ASN A 26 -34.69 -17.63 -9.34
C ASN A 26 -33.43 -18.03 -8.58
N PHE A 27 -33.58 -18.93 -7.61
CA PHE A 27 -32.43 -19.39 -6.83
C PHE A 27 -31.44 -20.14 -7.70
N GLN A 28 -31.92 -21.09 -8.50
CA GLN A 28 -31.01 -21.98 -9.23
C GLN A 28 -30.15 -21.20 -10.22
N HIS A 29 -30.72 -20.20 -10.88
CA HIS A 29 -29.97 -19.51 -11.93
C HIS A 29 -28.99 -18.50 -11.36
N ASP A 30 -29.41 -17.72 -10.36
CA ASP A 30 -28.50 -16.74 -9.79
C ASP A 30 -27.38 -17.41 -9.03
N HIS A 31 -27.67 -18.50 -8.32
CA HIS A 31 -26.62 -19.23 -7.62
C HIS A 31 -25.63 -19.83 -8.60
N ALA A 32 -26.13 -20.35 -9.72
CA ALA A 32 -25.24 -20.88 -10.75
C ALA A 32 -24.33 -19.78 -11.30
N PHE A 33 -24.88 -18.59 -11.53
CA PHE A 33 -24.08 -17.44 -11.96
C PHE A 33 -22.94 -17.18 -10.98
N VAL A 34 -23.24 -17.19 -9.68
CA VAL A 34 -22.20 -16.94 -8.69
C VAL A 34 -21.10 -17.98 -8.80
N LEU A 35 -21.47 -19.26 -8.84
CA LEU A 35 -20.47 -20.32 -8.92
C LEU A 35 -19.64 -20.20 -10.19
N GLU A 36 -20.26 -19.83 -11.31
CA GLU A 36 -19.51 -19.58 -12.53
C GLU A 36 -18.47 -18.49 -12.33
N GLU A 37 -18.85 -17.40 -11.64
CA GLU A 37 -17.92 -16.30 -11.42
C GLU A 37 -16.79 -16.71 -10.49
N ALA A 38 -17.10 -17.55 -9.49
CA ALA A 38 -16.05 -18.07 -8.63
C ALA A 38 -15.01 -18.83 -9.43
N ARG A 39 -15.45 -19.66 -10.38
CA ARG A 39 -14.51 -20.40 -11.22
C ARG A 39 -13.61 -19.45 -11.99
N SER A 40 -14.17 -18.36 -12.52
CA SER A 40 -13.38 -17.40 -13.30
C SER A 40 -12.45 -16.57 -12.44
N LEU A 41 -12.42 -16.79 -11.12
CA LEU A 41 -11.49 -16.12 -10.22
C LEU A 41 -10.34 -17.03 -9.78
N GLY A 42 -10.38 -18.31 -10.13
CA GLY A 42 -9.32 -19.23 -9.77
C GLY A 42 -9.68 -20.08 -8.57
N THR A 43 -8.70 -20.85 -8.12
CA THR A 43 -8.83 -21.73 -6.96
C THR A 43 -7.62 -21.53 -6.07
N PRO A 44 -7.81 -21.44 -4.74
CA PRO A 44 -9.10 -21.38 -4.03
C PRO A 44 -9.82 -20.05 -4.19
N CYS A 45 -11.13 -20.04 -3.98
CA CYS A 45 -11.94 -18.84 -4.04
C CYS A 45 -12.52 -18.55 -2.66
N ARG A 46 -12.24 -17.35 -2.15
CA ARG A 46 -12.78 -16.90 -0.87
C ARG A 46 -13.97 -15.99 -1.15
N LEU A 47 -15.14 -16.40 -0.68
CA LEU A 47 -16.39 -15.72 -1.01
C LEU A 47 -17.13 -15.30 0.25
N LEU A 48 -17.61 -14.06 0.25
CA LEU A 48 -18.45 -13.52 1.31
C LEU A 48 -19.84 -13.27 0.75
N ASP A 49 -20.85 -13.89 1.36
CA ASP A 49 -22.25 -13.66 1.01
C ASP A 49 -22.80 -12.60 1.97
N VAL A 50 -23.10 -11.42 1.44
CA VAL A 50 -23.57 -10.29 2.25
C VAL A 50 -25.09 -10.33 2.26
N GLY A 51 -25.66 -10.65 3.41
CA GLY A 51 -27.09 -10.87 3.50
C GLY A 51 -27.45 -12.26 3.05
N CYS A 52 -26.84 -13.26 3.69
CA CYS A 52 -26.91 -14.63 3.19
C CYS A 52 -28.24 -15.32 3.49
N GLY A 53 -29.12 -14.68 4.25
CA GLY A 53 -30.37 -15.32 4.59
C GLY A 53 -30.16 -16.69 5.20
N THR A 54 -30.96 -17.66 4.74
CA THR A 54 -30.91 -19.02 5.23
C THR A 54 -29.74 -19.81 4.68
N GLY A 55 -28.90 -19.19 3.85
CA GLY A 55 -27.64 -19.80 3.47
C GLY A 55 -27.70 -20.81 2.36
N ALA A 56 -28.72 -20.76 1.50
CA ALA A 56 -28.77 -21.70 0.39
C ALA A 56 -27.54 -21.58 -0.52
N LEU A 57 -27.15 -20.34 -0.86
CA LEU A 57 -26.00 -20.16 -1.74
C LEU A 57 -24.72 -20.62 -1.06
N LEU A 58 -24.55 -20.33 0.23
CA LEU A 58 -23.37 -20.79 0.94
C LEU A 58 -23.24 -22.31 0.85
N GLU A 59 -24.36 -23.02 0.97
CA GLU A 59 -24.32 -24.47 0.86
C GLU A 59 -23.84 -24.90 -0.52
N LYS A 60 -24.42 -24.31 -1.57
CA LYS A 60 -24.01 -24.65 -2.92
C LYS A 60 -22.55 -24.29 -3.16
N ALA A 61 -22.12 -23.14 -2.64
CA ALA A 61 -20.74 -22.71 -2.83
C ALA A 61 -19.77 -23.64 -2.13
N ARG A 62 -20.08 -23.99 -0.87
CA ARG A 62 -19.18 -24.85 -0.10
C ARG A 62 -19.17 -26.26 -0.66
N ASN A 63 -20.30 -26.74 -1.17
CA ASN A 63 -20.31 -28.04 -1.82
C ASN A 63 -19.52 -28.04 -3.12
N ALA A 64 -19.27 -26.87 -3.70
CA ALA A 64 -18.47 -26.76 -4.92
C ALA A 64 -17.01 -26.50 -4.65
N GLY A 65 -16.60 -26.51 -3.38
CA GLY A 65 -15.22 -26.29 -3.03
C GLY A 65 -14.84 -24.85 -2.75
N ILE A 66 -15.79 -23.96 -2.67
CA ILE A 66 -15.53 -22.55 -2.41
C ILE A 66 -15.47 -22.33 -0.90
N LEU A 67 -14.50 -21.50 -0.49
CA LEU A 67 -14.38 -21.11 0.91
C LEU A 67 -15.36 -19.97 1.16
N ALA A 68 -16.61 -20.35 1.40
CA ALA A 68 -17.73 -19.40 1.45
C ALA A 68 -18.11 -19.15 2.91
N THR A 69 -18.26 -17.88 3.25
CA THR A 69 -18.78 -17.46 4.54
C THR A 69 -19.82 -16.38 4.29
N GLY A 70 -20.68 -16.17 5.30
CA GLY A 70 -21.81 -15.27 5.14
C GLY A 70 -22.06 -14.45 6.39
N ILE A 71 -22.72 -13.31 6.18
CA ILE A 71 -23.19 -12.47 7.26
C ILE A 71 -24.64 -12.11 6.99
N ASP A 72 -25.41 -11.95 8.06
CA ASP A 72 -26.77 -11.46 7.96
C ASP A 72 -27.10 -10.70 9.25
N ALA A 73 -27.89 -9.63 9.11
CA ALA A 73 -28.25 -8.83 10.27
C ALA A 73 -29.42 -9.41 11.04
N SER A 74 -30.07 -10.46 10.50
CA SER A 74 -31.20 -11.08 11.19
C SER A 74 -30.72 -12.22 12.08
N PRO A 75 -31.05 -12.22 13.37
CA PRO A 75 -30.71 -13.41 14.17
C PRO A 75 -31.40 -14.67 13.69
N LYS A 76 -32.61 -14.56 13.13
CA LYS A 76 -33.33 -15.79 12.82
C LYS A 76 -32.75 -16.38 11.52
N MET A 77 -32.26 -15.52 10.64
CA MET A 77 -31.62 -15.99 9.41
C MET A 77 -30.31 -16.69 9.72
N VAL A 78 -29.48 -16.08 10.57
CA VAL A 78 -28.20 -16.68 10.95
C VAL A 78 -28.42 -18.08 11.52
N GLU A 79 -29.38 -18.20 12.43
CA GLU A 79 -29.70 -19.51 13.00
C GLU A 79 -30.09 -20.50 11.91
N LEU A 80 -30.91 -20.08 10.95
CA LEU A 80 -31.30 -20.98 9.87
C LEU A 80 -30.11 -21.34 8.98
N ALA A 81 -29.28 -20.35 8.66
CA ALA A 81 -28.10 -20.62 7.84
C ALA A 81 -27.12 -21.53 8.55
N GLN A 82 -26.88 -21.30 9.84
CA GLN A 82 -25.94 -22.13 10.59
C GLN A 82 -26.42 -23.57 10.68
N ALA A 83 -27.73 -23.77 10.79
CA ALA A 83 -28.26 -25.13 10.77
C ALA A 83 -27.96 -25.82 9.45
N ARG A 84 -27.74 -25.05 8.39
CA ARG A 84 -27.49 -25.61 7.07
C ARG A 84 -26.01 -25.83 6.79
N VAL A 85 -25.15 -24.94 7.27
CA VAL A 85 -23.74 -25.01 6.90
C VAL A 85 -22.81 -24.91 8.11
N GLY A 86 -23.36 -25.03 9.31
CA GLY A 86 -22.58 -24.97 10.52
C GLY A 86 -22.37 -23.56 11.04
N GLN A 87 -21.91 -23.49 12.29
CA GLN A 87 -21.88 -22.21 12.97
C GLN A 87 -20.74 -21.32 12.50
N GLU A 88 -19.59 -21.91 12.16
CA GLU A 88 -18.42 -21.09 11.91
C GLU A 88 -18.49 -20.30 10.60
N ALA A 89 -19.38 -20.69 9.70
CA ALA A 89 -19.43 -20.06 8.38
C ALA A 89 -20.43 -18.91 8.28
N VAL A 90 -21.15 -18.59 9.36
CA VAL A 90 -22.16 -17.55 9.34
C VAL A 90 -22.05 -16.71 10.60
N THR A 91 -22.22 -15.39 10.45
CA THR A 91 -22.05 -14.45 11.53
C THR A 91 -23.18 -13.43 11.51
N LEU A 92 -23.74 -13.16 12.69
CA LEU A 92 -24.67 -12.05 12.84
C LEU A 92 -23.88 -10.76 12.75
N ARG A 93 -24.10 -9.98 11.69
CA ARG A 93 -23.23 -8.85 11.40
C ARG A 93 -23.87 -8.03 10.29
N ARG A 94 -23.84 -6.72 10.46
CA ARG A 94 -24.38 -5.80 9.46
C ARG A 94 -23.34 -5.50 8.39
N MET A 95 -23.82 -5.32 7.15
CA MET A 95 -22.90 -4.97 6.06
C MET A 95 -22.22 -3.65 6.32
N GLU A 96 -22.84 -2.77 7.11
CA GLU A 96 -22.24 -1.52 7.54
C GLU A 96 -21.06 -1.72 8.48
N GLU A 97 -20.83 -2.94 8.95
CA GLU A 97 -19.71 -3.22 9.85
C GLU A 97 -18.56 -3.90 9.14
N ILE A 98 -18.70 -4.19 7.84
CA ILE A 98 -17.66 -4.90 7.10
C ILE A 98 -16.36 -4.13 7.20
N ASP A 99 -15.30 -4.81 7.68
CA ASP A 99 -14.01 -4.16 7.84
C ASP A 99 -12.84 -5.03 7.41
N GLU A 100 -13.09 -6.17 6.76
CA GLU A 100 -12.00 -6.98 6.25
C GLU A 100 -11.19 -6.20 5.22
N GLU A 101 -9.92 -6.57 5.08
CA GLU A 101 -9.01 -5.90 4.16
C GLU A 101 -8.40 -6.97 3.23
N GLY A 102 -8.94 -7.08 2.03
CA GLY A 102 -8.42 -8.01 1.05
C GLY A 102 -8.70 -9.46 1.33
N ALA A 103 -9.68 -9.75 2.18
CA ALA A 103 -9.88 -11.12 2.62
C ALA A 103 -10.57 -11.99 1.58
N TYR A 104 -11.31 -11.40 0.64
CA TYR A 104 -12.15 -12.17 -0.28
C TYR A 104 -11.76 -11.95 -1.73
N ASP A 105 -12.07 -12.96 -2.55
CA ASP A 105 -11.96 -12.89 -4.00
C ASP A 105 -13.30 -12.53 -4.66
N LEU A 106 -14.42 -12.80 -4.00
CA LEU A 106 -15.74 -12.59 -4.56
C LEU A 106 -16.66 -12.22 -3.40
N VAL A 107 -17.33 -11.09 -3.51
CA VAL A 107 -18.35 -10.67 -2.57
C VAL A 107 -19.68 -10.66 -3.31
N VAL A 108 -20.70 -11.27 -2.72
CA VAL A 108 -22.00 -11.44 -3.36
C VAL A 108 -23.07 -10.87 -2.44
N SER A 109 -24.04 -10.16 -3.03
CA SER A 109 -25.19 -9.64 -2.31
C SER A 109 -26.39 -9.80 -3.24
N LEU A 110 -27.14 -10.89 -3.06
CA LEU A 110 -28.30 -11.18 -3.89
C LEU A 110 -29.58 -10.72 -3.22
N CYS A 111 -30.62 -10.59 -4.03
CA CYS A 111 -31.98 -10.39 -3.53
C CYS A 111 -32.14 -9.06 -2.79
N TRP A 112 -31.49 -8.01 -3.28
CA TRP A 112 -31.76 -6.64 -2.89
C TRP A 112 -31.27 -6.27 -1.48
N THR A 113 -30.45 -7.11 -0.86
CA THR A 113 -29.89 -6.78 0.44
C THR A 113 -29.26 -5.40 0.46
N ILE A 114 -28.57 -5.02 -0.62
CA ILE A 114 -27.77 -3.79 -0.63
C ILE A 114 -28.66 -2.56 -0.48
N HIS A 115 -29.91 -2.65 -0.91
CA HIS A 115 -30.80 -1.49 -0.82
C HIS A 115 -31.28 -1.22 0.59
N TYR A 116 -30.95 -2.10 1.55
CA TYR A 116 -31.26 -1.79 2.93
C TYR A 116 -30.25 -0.83 3.54
N SER A 117 -29.25 -0.42 2.76
CA SER A 117 -28.39 0.69 3.15
C SER A 117 -29.22 1.96 3.34
N ALA A 118 -28.73 2.84 4.20
CA ALA A 118 -29.45 4.07 4.53
C ALA A 118 -29.10 5.13 3.50
N GLY A 119 -29.93 5.20 2.44
CA GLY A 119 -29.75 6.21 1.43
C GLY A 119 -28.48 6.01 0.63
N ARG A 120 -28.21 6.98 -0.24
CA ARG A 120 -27.02 6.89 -1.08
C ARG A 120 -25.75 6.94 -0.24
N ALA A 121 -25.71 7.81 0.77
CA ALA A 121 -24.55 7.87 1.65
C ALA A 121 -24.28 6.51 2.28
N GLY A 122 -25.34 5.84 2.75
CA GLY A 122 -25.17 4.51 3.31
C GLY A 122 -24.69 3.51 2.29
N LEU A 123 -25.29 3.53 1.10
CA LEU A 123 -24.87 2.62 0.04
C LEU A 123 -23.40 2.81 -0.27
N LEU A 124 -22.96 4.06 -0.41
CA LEU A 124 -21.57 4.34 -0.77
C LEU A 124 -20.62 3.81 0.30
N ASP A 125 -20.98 3.99 1.57
CA ASP A 125 -20.20 3.45 2.68
C ASP A 125 -20.05 1.94 2.55
N VAL A 126 -21.16 1.24 2.33
CA VAL A 126 -21.12 -0.22 2.23
C VAL A 126 -20.31 -0.67 1.01
N LEU A 127 -20.50 -0.01 -0.12
CA LEU A 127 -19.75 -0.38 -1.33
C LEU A 127 -18.25 -0.16 -1.13
N LYS A 128 -17.87 0.93 -0.44
CA LYS A 128 -16.45 1.15 -0.17
C LYS A 128 -15.90 0.08 0.77
N ARG A 129 -16.68 -0.32 1.78
CA ARG A 129 -16.25 -1.41 2.66
C ARG A 129 -16.10 -2.71 1.88
N ILE A 130 -17.04 -2.98 0.96
CA ILE A 130 -16.91 -4.16 0.12
C ILE A 130 -15.68 -4.06 -0.77
N HIS A 131 -15.43 -2.88 -1.34
CA HIS A 131 -14.24 -2.65 -2.15
C HIS A 131 -12.97 -2.95 -1.35
N ARG A 132 -12.89 -2.44 -0.12
CA ARG A 132 -11.72 -2.71 0.72
C ARG A 132 -11.63 -4.18 1.10
N ALA A 133 -12.78 -4.86 1.26
CA ALA A 133 -12.75 -6.26 1.66
C ALA A 133 -12.24 -7.18 0.56
N LEU A 134 -12.20 -6.71 -0.69
CA LEU A 134 -11.79 -7.54 -1.80
C LEU A 134 -10.30 -7.40 -2.05
N ARG A 135 -9.67 -8.51 -2.47
CA ARG A 135 -8.32 -8.44 -2.98
C ARG A 135 -8.27 -7.61 -4.26
N PRO A 136 -7.10 -7.09 -4.61
CA PRO A 136 -6.90 -6.54 -5.97
C PRO A 136 -7.31 -7.57 -7.02
N GLY A 137 -8.10 -7.13 -7.99
CA GLY A 137 -8.66 -8.03 -8.97
C GLY A 137 -9.90 -8.77 -8.54
N GLY A 138 -10.30 -8.67 -7.27
CA GLY A 138 -11.52 -9.30 -6.82
C GLY A 138 -12.76 -8.70 -7.44
N ARG A 139 -13.87 -9.43 -7.31
CA ARG A 139 -15.12 -9.07 -7.97
C ARG A 139 -16.28 -9.10 -6.99
N GLY A 140 -17.32 -8.37 -7.37
CA GLY A 140 -18.56 -8.40 -6.61
C GLY A 140 -19.73 -8.59 -7.54
N ILE A 141 -20.77 -9.24 -7.00
CA ILE A 141 -22.02 -9.50 -7.72
C ILE A 141 -23.13 -8.96 -6.83
N ILE A 142 -23.80 -7.92 -7.30
CA ILE A 142 -24.86 -7.26 -6.53
C ILE A 142 -26.14 -7.30 -7.35
N GLN A 143 -27.14 -8.00 -6.83
CA GLN A 143 -28.48 -7.99 -7.41
C GLN A 143 -29.25 -6.79 -6.90
N ILE A 144 -29.76 -5.95 -7.80
CA ILE A 144 -30.39 -4.71 -7.42
C ILE A 144 -31.83 -4.70 -7.91
N ALA A 145 -32.55 -3.66 -7.49
CA ALA A 145 -33.91 -3.41 -7.92
C ALA A 145 -33.91 -2.17 -8.80
N HIS A 146 -34.37 -2.31 -10.04
CA HIS A 146 -34.59 -1.16 -10.91
C HIS A 146 -36.06 -0.81 -10.79
N ALA A 147 -36.38 0.11 -9.88
CA ALA A 147 -37.77 0.37 -9.53
C ALA A 147 -38.60 0.78 -10.73
N ALA A 148 -38.00 1.49 -11.69
CA ALA A 148 -38.75 1.93 -12.86
C ALA A 148 -39.27 0.74 -13.67
N HIS A 149 -38.72 -0.46 -13.46
CA HIS A 149 -39.20 -1.65 -14.15
C HIS A 149 -40.05 -2.52 -13.24
N ALA A 150 -40.34 -2.06 -12.03
CA ALA A 150 -41.15 -2.83 -11.11
C ALA A 150 -42.50 -3.14 -11.76
N PRO A 151 -43.06 -4.31 -11.49
CA PRO A 151 -44.41 -4.60 -12.01
C PRO A 151 -45.40 -3.54 -11.53
N LYS A 152 -46.28 -3.11 -12.45
CA LYS A 152 -47.29 -2.09 -12.15
C LYS A 152 -48.56 -2.71 -11.63
N ARG A 153 -48.42 -3.71 -10.77
CA ARG A 153 -49.53 -4.45 -10.20
C ARG A 153 -49.14 -4.85 -8.77
N THR A 154 -50.15 -5.06 -7.93
CA THR A 154 -49.94 -5.73 -6.65
C THR A 154 -49.90 -7.22 -6.93
N LEU A 155 -48.81 -7.88 -6.55
CA LEU A 155 -48.63 -9.29 -6.83
C LEU A 155 -49.11 -10.15 -5.67
N GLU A 156 -49.38 -11.42 -5.96
CA GLU A 156 -50.00 -12.32 -5.01
C GLU A 156 -49.38 -13.71 -5.16
N SER A 157 -49.07 -14.35 -4.03
CA SER A 157 -48.56 -15.71 -3.99
C SER A 157 -49.36 -16.49 -2.96
N ARG A 158 -49.87 -17.65 -3.37
CA ARG A 158 -50.68 -18.52 -2.52
C ARG A 158 -49.98 -19.86 -2.43
N ILE A 159 -49.92 -20.41 -1.20
CA ILE A 159 -49.28 -21.69 -0.94
C ILE A 159 -50.06 -22.43 0.12
N PRO A 160 -49.94 -23.75 0.17
CA PRO A 160 -50.70 -24.51 1.17
C PRO A 160 -50.25 -24.19 2.58
N GLY A 161 -51.16 -24.41 3.52
CA GLY A 161 -50.92 -24.14 4.91
C GLY A 161 -50.12 -25.23 5.59
N PRO A 162 -49.93 -25.12 6.91
CA PRO A 162 -49.06 -26.09 7.61
C PRO A 162 -49.57 -27.51 7.54
N ASN A 163 -50.87 -27.71 7.39
CA ASN A 163 -51.43 -29.05 7.25
C ASN A 163 -52.09 -29.26 5.88
N GLY A 164 -51.54 -28.62 4.85
CA GLY A 164 -51.98 -28.84 3.51
C GLY A 164 -53.21 -28.06 3.09
N GLU A 165 -53.75 -27.21 3.95
CA GLU A 165 -54.92 -26.44 3.59
C GLU A 165 -54.65 -25.59 2.35
N PRO A 166 -55.43 -25.74 1.28
CA PRO A 166 -55.09 -25.05 0.04
C PRO A 166 -55.25 -23.54 0.16
N ASP A 167 -54.29 -22.81 -0.38
CA ASP A 167 -54.28 -21.34 -0.38
C ASP A 167 -54.42 -20.76 1.02
N ASP A 168 -54.06 -21.54 2.05
CA ASP A 168 -54.14 -21.06 3.43
C ASP A 168 -53.16 -19.91 3.68
N VAL A 169 -52.06 -19.85 2.94
CA VAL A 169 -51.05 -18.83 3.12
C VAL A 169 -51.05 -17.94 1.88
N VAL A 170 -51.07 -16.63 2.10
CA VAL A 170 -51.12 -15.66 1.02
C VAL A 170 -50.13 -14.54 1.30
N MET A 171 -49.42 -14.10 0.26
CA MET A 171 -48.55 -12.92 0.32
C MET A 171 -48.92 -12.03 -0.85
N LEU A 172 -48.95 -10.73 -0.62
CA LEU A 172 -49.34 -9.74 -1.62
C LEU A 172 -48.22 -8.76 -1.76
N PHE A 173 -47.76 -8.38 -2.98
CA PHE A 173 -46.62 -7.67 -2.48
C PHE A 173 -46.72 -6.44 -3.44
N ARG A 174 -46.16 -5.28 -3.10
CA ARG A 174 -46.23 -4.12 -4.00
C ARG A 174 -44.91 -3.36 -3.98
N PHE A 175 -44.40 -3.01 -5.17
CA PHE A 175 -43.11 -2.34 -5.32
C PHE A 175 -43.31 -1.08 -6.15
N ARG A 176 -43.04 0.09 -5.55
CA ARG A 176 -43.21 1.34 -6.23
C ARG A 176 -42.07 2.30 -5.93
N PRO A 177 -41.60 3.05 -6.93
CA PRO A 177 -40.59 4.07 -6.65
C PRO A 177 -41.16 5.15 -5.75
N ALA A 178 -40.36 5.60 -4.80
CA ALA A 178 -40.80 6.67 -3.92
C ALA A 178 -40.49 8.04 -4.51
N PRO A 179 -41.35 9.01 -4.25
CA PRO A 179 -41.06 10.38 -4.72
C PRO A 179 -40.03 11.09 -3.86
N THR A 180 -38.78 10.65 -3.98
CA THR A 180 -37.67 11.18 -3.21
C THR A 180 -36.63 11.76 -4.16
N GLU A 181 -35.72 12.56 -3.58
CA GLU A 181 -34.59 13.08 -4.34
C GLU A 181 -33.76 11.94 -4.94
N GLU A 182 -33.24 11.05 -4.07
CA GLU A 182 -32.51 9.87 -4.47
C GLU A 182 -33.49 8.81 -4.96
N PRO A 183 -33.10 8.00 -5.95
CA PRO A 183 -33.99 6.90 -6.38
C PRO A 183 -34.17 5.92 -5.22
N SER A 184 -35.43 5.69 -4.86
CA SER A 184 -35.74 4.78 -3.75
C SER A 184 -37.09 4.13 -4.04
N MET A 185 -37.37 3.07 -3.29
CA MET A 185 -38.54 2.25 -3.54
C MET A 185 -39.19 1.82 -2.23
N HIS A 186 -40.51 1.87 -2.21
CA HIS A 186 -41.30 1.28 -1.12
C HIS A 186 -41.67 -0.14 -1.54
N ALA A 187 -41.13 -1.12 -0.82
CA ALA A 187 -41.44 -2.53 -1.06
C ALA A 187 -42.39 -3.00 0.04
N GLU A 188 -43.67 -3.10 -0.29
CA GLU A 188 -44.68 -3.45 0.69
C GLU A 188 -44.99 -4.94 0.63
N TYR A 189 -45.03 -5.58 1.80
CA TYR A 189 -45.32 -6.99 1.93
C TYR A 189 -46.54 -7.17 2.83
N VAL A 190 -47.42 -8.10 2.47
CA VAL A 190 -48.48 -8.55 3.35
C VAL A 190 -48.40 -10.07 3.43
N TYR A 191 -48.37 -10.60 4.64
CA TYR A 191 -48.35 -12.03 4.88
C TYR A 191 -49.58 -12.41 5.68
N ALA A 192 -50.24 -13.49 5.29
CA ALA A 192 -51.36 -14.02 6.05
C ALA A 192 -51.29 -15.54 6.03
N CYS A 193 -51.50 -16.14 7.19
CA CYS A 193 -51.77 -17.58 7.29
C CYS A 193 -53.12 -17.72 7.96
N LYS A 194 -54.15 -18.04 7.18
CA LYS A 194 -55.53 -17.96 7.65
C LYS A 194 -55.78 -18.96 8.78
N SER A 195 -55.28 -20.19 8.64
CA SER A 195 -55.55 -21.20 9.65
C SER A 195 -54.88 -20.87 10.97
N LEU A 196 -53.75 -20.16 10.95
CA LEU A 196 -53.05 -19.77 12.16
C LEU A 196 -53.40 -18.36 12.62
N ASN A 197 -54.31 -17.69 11.93
CA ASN A 197 -54.75 -16.34 12.33
C ASN A 197 -53.57 -15.37 12.38
N GLU A 198 -52.75 -15.41 11.33
CA GLU A 198 -51.59 -14.52 11.21
C GLU A 198 -51.84 -13.52 10.09
N LEU A 199 -51.50 -12.25 10.38
CA LEU A 199 -51.63 -11.19 9.40
C LEU A 199 -50.53 -10.18 9.69
N LEU A 200 -49.66 -9.95 8.70
CA LEU A 200 -48.54 -9.04 8.83
C LEU A 200 -48.52 -8.07 7.67
N TYR A 201 -48.35 -6.78 7.96
CA TYR A 201 -48.06 -5.79 6.93
C TYR A 201 -46.77 -5.07 7.30
N GLU A 202 -45.99 -4.70 6.30
CA GLU A 202 -44.67 -4.13 6.53
C GLU A 202 -44.20 -3.46 5.26
N ASN A 203 -43.59 -2.29 5.41
CA ASN A 203 -43.20 -1.42 4.31
C ASN A 203 -41.71 -1.19 4.37
N HIS A 204 -40.96 -1.83 3.47
CA HIS A 204 -39.51 -1.71 3.43
C HIS A 204 -39.09 -0.54 2.55
N LEU A 205 -38.31 0.38 3.12
CA LEU A 205 -37.71 1.46 2.35
C LEU A 205 -36.39 0.97 1.77
N LEU A 206 -36.30 0.93 0.45
CA LEU A 206 -35.10 0.49 -0.25
C LEU A 206 -34.47 1.67 -0.97
N SER A 207 -33.17 1.83 -0.79
CA SER A 207 -32.46 3.01 -1.26
C SER A 207 -31.66 2.70 -2.52
N MET A 208 -31.63 3.66 -3.44
CA MET A 208 -30.83 3.60 -4.67
C MET A 208 -31.26 2.44 -5.57
N THR A 209 -32.56 2.38 -5.83
CA THR A 209 -33.17 1.34 -6.66
C THR A 209 -33.24 1.77 -8.13
N ASP A 210 -32.05 2.03 -8.69
CA ASP A 210 -31.90 2.49 -10.06
C ASP A 210 -30.56 1.95 -10.54
N ALA A 211 -30.58 1.17 -11.63
CA ALA A 211 -29.37 0.50 -12.09
C ALA A 211 -28.30 1.49 -12.50
N HIS A 212 -28.67 2.56 -13.19
CA HIS A 212 -27.68 3.55 -13.60
C HIS A 212 -27.13 4.32 -12.40
N ALA A 213 -28.01 4.69 -11.47
CA ALA A 213 -27.54 5.40 -10.27
C ALA A 213 -26.66 4.48 -9.42
N PHE A 214 -27.02 3.20 -9.33
CA PHE A 214 -26.23 2.28 -8.53
C PHE A 214 -24.85 2.07 -9.15
N ALA A 215 -24.79 1.92 -10.48
CA ALA A 215 -23.51 1.74 -11.15
C ALA A 215 -22.60 2.94 -10.94
N ALA A 216 -23.15 4.15 -11.05
CA ALA A 216 -22.35 5.34 -10.81
C ALA A 216 -21.83 5.35 -9.37
N CYS A 217 -22.65 4.88 -8.44
CA CYS A 217 -22.21 4.82 -7.04
C CYS A 217 -21.10 3.80 -6.88
N ALA A 218 -21.21 2.66 -7.57
CA ALA A 218 -20.15 1.66 -7.55
C ALA A 218 -18.84 2.25 -8.05
N ARG A 219 -18.90 3.02 -9.15
CA ARG A 219 -17.70 3.71 -9.63
C ARG A 219 -17.14 4.63 -8.56
N GLU A 220 -18.00 5.46 -7.97
CA GLU A 220 -17.54 6.40 -6.95
C GLU A 220 -16.89 5.67 -5.77
N ALA A 221 -17.32 4.44 -5.50
CA ALA A 221 -16.73 3.66 -4.43
C ALA A 221 -15.35 3.11 -4.77
N GLY A 222 -14.90 3.25 -6.01
CA GLY A 222 -13.56 2.84 -6.41
C GLY A 222 -13.50 1.70 -7.39
N PHE A 223 -14.61 1.07 -7.78
CA PHE A 223 -14.52 -0.08 -8.67
C PHE A 223 -14.17 0.37 -10.09
N ALA A 224 -13.14 -0.27 -10.66
CA ALA A 224 -12.66 0.11 -11.98
C ALA A 224 -13.65 -0.28 -13.07
N GLN A 225 -14.17 -1.51 -12.99
CA GLN A 225 -15.08 -2.04 -14.00
C GLN A 225 -16.44 -2.30 -13.38
N VAL A 226 -17.49 -1.88 -14.07
CA VAL A 226 -18.86 -2.08 -13.62
C VAL A 226 -19.69 -2.50 -14.82
N THR A 227 -20.37 -3.65 -14.71
CA THR A 227 -21.23 -4.18 -15.77
C THR A 227 -22.58 -4.52 -15.19
N VAL A 228 -23.63 -4.14 -15.91
CA VAL A 228 -25.01 -4.43 -15.52
C VAL A 228 -25.58 -5.44 -16.50
N TYR A 229 -25.92 -6.63 -16.01
CA TYR A 229 -26.57 -7.65 -16.80
C TYR A 229 -28.07 -7.62 -16.52
N ASP A 230 -28.87 -7.92 -17.55
CA ASP A 230 -30.31 -7.99 -17.36
C ASP A 230 -30.69 -9.13 -16.43
N SER A 231 -29.93 -10.22 -16.44
CA SER A 231 -30.19 -11.36 -15.57
C SER A 231 -28.95 -12.24 -15.57
N SER A 232 -29.09 -13.43 -14.96
CA SER A 232 -28.02 -14.42 -14.97
C SER A 232 -27.70 -14.91 -16.38
N LYS A 233 -28.61 -14.68 -17.33
CA LYS A 233 -28.34 -15.00 -18.74
C LYS A 233 -27.23 -14.13 -19.34
N ARG A 234 -26.79 -13.08 -18.65
CA ARG A 234 -25.72 -12.19 -19.10
C ARG A 234 -26.07 -11.33 -20.31
N ALA A 235 -27.34 -11.11 -20.61
CA ALA A 235 -27.69 -10.15 -21.63
C ALA A 235 -27.46 -8.73 -21.11
N PRO A 236 -27.26 -7.76 -22.00
CA PRO A 236 -27.16 -6.38 -21.54
C PRO A 236 -28.44 -5.93 -20.85
N PHE A 237 -28.29 -5.04 -19.87
CA PHE A 237 -29.43 -4.49 -19.16
C PHE A 237 -30.42 -3.90 -20.15
N SER A 238 -31.68 -4.30 -20.03
CA SER A 238 -32.74 -3.75 -20.87
C SER A 238 -33.99 -3.41 -20.05
N ALA A 239 -34.77 -4.43 -19.67
CA ALA A 239 -36.04 -4.18 -18.99
C ALA A 239 -36.22 -4.94 -17.68
N ALA A 240 -35.20 -5.63 -17.21
CA ALA A 240 -35.34 -6.43 -16.00
C ALA A 240 -35.67 -5.53 -14.80
N PRO A 241 -36.52 -5.99 -13.87
CA PRO A 241 -36.68 -5.26 -12.61
C PRO A 241 -35.64 -5.61 -11.56
N ASN A 242 -34.87 -6.68 -11.75
CA ASN A 242 -33.88 -7.14 -10.78
C ASN A 242 -32.60 -7.52 -11.50
N PRO A 243 -31.93 -6.54 -12.11
CA PRO A 243 -30.69 -6.83 -12.85
C PRO A 243 -29.55 -7.18 -11.91
N LEU A 244 -28.46 -7.66 -12.51
CA LEU A 244 -27.26 -8.05 -11.79
C LEU A 244 -26.13 -7.11 -12.11
N VAL A 245 -25.53 -6.52 -11.07
CA VAL A 245 -24.42 -5.60 -11.21
C VAL A 245 -23.14 -6.35 -10.83
N CYS A 246 -22.21 -6.41 -11.76
CA CYS A 246 -20.91 -7.03 -11.53
C CYS A 246 -19.83 -5.95 -11.52
N VAL A 247 -19.00 -5.97 -10.49
CA VAL A 247 -17.96 -4.97 -10.29
C VAL A 247 -16.63 -5.69 -10.10
N GLU A 248 -15.56 -5.02 -10.48
CA GLU A 248 -14.21 -5.56 -10.36
C GLU A 248 -13.29 -4.51 -9.77
N LYS A 249 -12.47 -4.93 -8.81
CA LYS A 249 -11.46 -4.09 -8.20
C LYS A 249 -10.17 -4.17 -9.01
N ALA A 250 -9.57 -3.02 -9.31
CA ALA A 250 -8.37 -2.98 -10.13
C ALA A 250 -7.22 -3.74 -9.46
N HIS A 251 -6.26 -4.15 -10.29
CA HIS A 251 -5.07 -4.83 -9.79
C HIS A 251 -4.16 -3.87 -9.02
N GLY B 4 30.51 -3.89 -1.29
CA GLY B 4 31.03 -3.70 -2.68
C GLY B 4 32.00 -2.54 -2.74
N GLY B 5 31.46 -1.32 -2.60
CA GLY B 5 32.32 -0.17 -2.38
C GLY B 5 33.04 -0.23 -1.05
N GLY B 6 32.46 -0.93 -0.07
CA GLY B 6 33.08 -1.09 1.22
C GLY B 6 34.26 -2.03 1.27
N GLY B 7 34.59 -2.68 0.15
CA GLY B 7 35.69 -3.63 0.10
C GLY B 7 37.06 -3.06 -0.18
N TYR B 8 37.16 -1.78 -0.54
CA TYR B 8 38.45 -1.16 -0.78
C TYR B 8 39.29 -1.15 0.51
N HIS B 9 40.61 -1.17 0.34
CA HIS B 9 41.49 -1.15 1.49
C HIS B 9 41.37 0.15 2.29
N LEU B 10 41.08 1.27 1.61
CA LEU B 10 40.91 2.53 2.33
C LEU B 10 39.88 2.42 3.44
N PHE B 11 38.86 1.58 3.25
CA PHE B 11 37.77 1.44 4.19
C PHE B 11 37.90 0.20 5.08
N ASN B 12 39.02 -0.51 4.99
CA ASN B 12 39.21 -1.71 5.80
C ASN B 12 40.54 -1.62 6.53
N GLU B 13 41.63 -2.01 5.88
CA GLU B 13 42.93 -2.00 6.55
C GLU B 13 43.31 -0.59 6.99
N LEU B 14 42.87 0.43 6.27
CA LEU B 14 43.23 1.81 6.58
C LEU B 14 42.10 2.60 7.21
N ALA B 15 41.01 1.92 7.59
CA ALA B 15 39.87 2.64 8.17
C ALA B 15 40.28 3.45 9.40
N HIS B 16 41.06 2.86 10.30
CA HIS B 16 41.38 3.55 11.54
C HIS B 16 42.13 4.85 11.29
N SER B 17 42.80 4.98 10.15
CA SER B 17 43.47 6.22 9.80
C SER B 17 42.56 7.23 9.14
N TYR B 18 41.29 6.87 8.89
CA TYR B 18 40.41 7.78 8.15
C TYR B 18 40.32 9.14 8.83
N ASP B 19 39.90 9.14 10.10
CA ASP B 19 39.75 10.42 10.79
C ASP B 19 41.06 11.16 10.90
N LEU B 20 42.20 10.48 10.73
CA LEU B 20 43.42 11.22 10.95
C LEU B 20 43.75 12.03 9.69
N HIS B 21 43.63 11.39 8.52
CA HIS B 21 43.87 12.09 7.26
C HIS B 21 42.66 12.89 6.79
N THR B 22 41.46 12.60 7.31
CA THR B 22 40.22 13.29 6.94
C THR B 22 39.48 13.63 8.22
N PRO B 23 39.89 14.68 8.92
CA PRO B 23 39.27 15.02 10.23
C PRO B 23 37.78 15.30 10.07
N PRO B 24 36.94 14.73 10.94
CA PRO B 24 35.49 14.98 10.81
C PRO B 24 35.14 16.43 11.09
N GLU B 25 35.84 17.06 12.02
CA GLU B 25 35.56 18.43 12.41
C GLU B 25 35.86 19.45 11.33
N ASN B 26 36.56 19.05 10.27
CA ASN B 26 36.69 19.91 9.11
C ASN B 26 35.39 20.01 8.32
N PHE B 27 34.50 19.02 8.45
CA PHE B 27 33.17 19.07 7.84
C PHE B 27 32.11 19.47 8.85
N GLN B 28 32.50 20.25 9.86
CA GLN B 28 31.54 20.58 10.92
C GLN B 28 30.39 21.42 10.37
N HIS B 29 30.64 22.21 9.32
CA HIS B 29 29.56 22.95 8.69
C HIS B 29 28.56 22.01 8.02
N ASP B 30 29.05 20.94 7.40
CA ASP B 30 28.15 19.96 6.80
C ASP B 30 27.33 19.26 7.87
N HIS B 31 27.96 18.96 9.01
CA HIS B 31 27.24 18.33 10.11
C HIS B 31 26.17 19.27 10.67
N ALA B 32 26.53 20.52 10.94
CA ALA B 32 25.54 21.49 11.38
C ALA B 32 24.43 21.63 10.35
N PHE B 33 24.77 21.66 9.06
CA PHE B 33 23.75 21.71 8.02
C PHE B 33 22.75 20.58 8.18
N VAL B 34 23.25 19.35 8.34
CA VAL B 34 22.35 18.21 8.48
C VAL B 34 21.48 18.36 9.71
N LEU B 35 22.07 18.76 10.83
CA LEU B 35 21.30 18.88 12.07
C LEU B 35 20.18 19.91 11.94
N GLU B 36 20.47 21.03 11.27
CA GLU B 36 19.46 22.06 11.06
C GLU B 36 18.33 21.53 10.15
N GLU B 37 18.68 20.76 9.12
CA GLU B 37 17.66 20.15 8.29
C GLU B 37 16.82 19.15 9.09
N ALA B 38 17.47 18.37 9.97
CA ALA B 38 16.73 17.47 10.83
C ALA B 38 15.73 18.23 11.70
N ARG B 39 16.16 19.38 12.23
CA ARG B 39 15.27 20.20 13.05
C ARG B 39 13.98 20.54 12.31
N SER B 40 14.10 20.87 11.02
CA SER B 40 12.95 21.32 10.25
C SER B 40 12.04 20.17 9.82
N LEU B 41 12.37 18.94 10.18
CA LEU B 41 11.56 17.78 9.84
C LEU B 41 10.86 17.18 11.04
N GLY B 42 10.87 17.87 12.17
CA GLY B 42 10.11 17.45 13.34
C GLY B 42 10.98 16.71 14.33
N THR B 43 10.35 16.39 15.47
CA THR B 43 10.99 15.70 16.58
C THR B 43 10.10 14.54 17.01
N PRO B 44 10.65 13.31 17.15
CA PRO B 44 12.03 12.88 16.87
C PRO B 44 12.22 12.67 15.37
N CYS B 45 13.24 13.28 14.78
CA CYS B 45 13.58 13.01 13.39
C CYS B 45 14.28 11.67 13.31
N ARG B 46 13.78 10.78 12.43
CA ARG B 46 14.50 9.57 12.10
C ARG B 46 15.42 9.85 10.91
N LEU B 47 16.71 9.65 11.11
CA LEU B 47 17.73 9.94 10.10
C LEU B 47 18.52 8.67 9.81
N LEU B 48 18.67 8.36 8.53
CA LEU B 48 19.53 7.27 8.07
C LEU B 48 20.76 7.88 7.42
N ASP B 49 21.94 7.52 7.91
CA ASP B 49 23.21 7.94 7.32
C ASP B 49 23.73 6.77 6.46
N VAL B 50 23.73 6.96 5.15
CA VAL B 50 24.12 5.92 4.20
C VAL B 50 25.62 6.03 3.94
N GLY B 51 26.35 4.98 4.31
CA GLY B 51 27.79 5.04 4.28
C GLY B 51 28.32 5.91 5.38
N CYS B 52 27.99 5.58 6.63
CA CYS B 52 28.28 6.44 7.76
C CYS B 52 29.74 6.42 8.15
N GLY B 53 30.53 5.51 7.60
CA GLY B 53 31.95 5.48 7.93
C GLY B 53 32.15 5.35 9.43
N THR B 54 33.04 6.17 9.98
CA THR B 54 33.41 6.12 11.40
C THR B 54 32.33 6.70 12.31
N GLY B 55 31.29 7.31 11.76
CA GLY B 55 30.12 7.67 12.55
C GLY B 55 30.14 9.03 13.20
N ALA B 56 30.98 9.95 12.72
CA ALA B 56 31.04 11.27 13.35
C ALA B 56 29.69 11.96 13.30
N LEU B 57 29.04 11.91 12.13
CA LEU B 57 27.73 12.55 11.98
C LEU B 57 26.69 11.90 12.89
N LEU B 58 26.68 10.57 12.95
CA LEU B 58 25.75 9.87 13.82
C LEU B 58 25.88 10.34 15.27
N GLU B 59 27.13 10.52 15.72
CA GLU B 59 27.33 11.08 17.03
C GLU B 59 26.73 12.49 17.05
N LYS B 60 26.80 13.34 15.97
CA LYS B 60 26.54 14.76 16.23
C LYS B 60 25.12 14.62 16.46
N ALA B 61 24.55 13.82 15.57
CA ALA B 61 23.09 13.79 15.39
C ALA B 61 22.39 13.26 16.64
N ARG B 62 22.88 12.15 17.18
CA ARG B 62 22.26 11.53 18.33
C ARG B 62 22.40 12.40 19.58
N ASN B 63 23.54 13.08 19.73
CA ASN B 63 23.69 13.99 20.86
C ASN B 63 22.69 15.14 20.77
N ALA B 64 22.18 15.44 19.59
CA ALA B 64 21.20 16.50 19.39
C ALA B 64 19.77 15.99 19.51
N GLY B 65 19.59 14.73 19.90
CA GLY B 65 18.26 14.17 20.05
C GLY B 65 17.63 13.65 18.78
N ILE B 66 18.41 13.43 17.76
CA ILE B 66 17.93 12.87 16.51
C ILE B 66 18.03 11.35 16.57
N LEU B 67 17.01 10.67 16.09
CA LEU B 67 17.04 9.20 16.01
C LEU B 67 17.82 8.80 14.75
N ALA B 68 19.14 8.98 14.82
CA ALA B 68 20.03 8.75 13.69
C ALA B 68 20.60 7.34 13.77
N THR B 69 20.47 6.60 12.67
CA THR B 69 21.06 5.28 12.51
C THR B 69 21.85 5.28 11.21
N GLY B 70 22.82 4.36 11.11
CA GLY B 70 23.71 4.32 9.97
C GLY B 70 23.89 2.93 9.42
N ILE B 71 24.22 2.86 8.13
CA ILE B 71 24.67 1.63 7.49
C ILE B 71 26.01 1.90 6.83
N ASP B 72 26.81 0.85 6.67
CA ASP B 72 28.05 0.92 5.93
C ASP B 72 28.37 -0.47 5.41
N ALA B 73 29.03 -0.51 4.25
CA ALA B 73 29.35 -1.78 3.61
C ALA B 73 30.65 -2.39 4.09
N SER B 74 31.46 -1.62 4.84
CA SER B 74 32.72 -2.13 5.37
C SER B 74 32.54 -2.61 6.81
N PRO B 75 32.85 -3.87 7.12
CA PRO B 75 32.78 -4.29 8.53
C PRO B 75 33.68 -3.47 9.44
N LYS B 76 34.81 -2.97 8.95
CA LYS B 76 35.72 -2.20 9.79
C LYS B 76 35.14 -0.83 10.11
N MET B 77 34.48 -0.21 9.12
CA MET B 77 33.80 1.05 9.36
C MET B 77 32.65 0.88 10.35
N VAL B 78 31.88 -0.21 10.21
CA VAL B 78 30.82 -0.51 11.16
C VAL B 78 31.38 -0.61 12.59
N GLU B 79 32.49 -1.33 12.75
CA GLU B 79 33.11 -1.44 14.07
C GLU B 79 33.41 -0.07 14.67
N LEU B 80 34.07 0.79 13.90
CA LEU B 80 34.46 2.11 14.39
C LEU B 80 33.24 2.94 14.77
N ALA B 81 32.21 2.94 13.92
CA ALA B 81 31.01 3.72 14.22
C ALA B 81 30.29 3.19 15.46
N GLN B 82 30.23 1.87 15.61
CA GLN B 82 29.55 1.29 16.75
C GLN B 82 30.27 1.63 18.05
N ALA B 83 31.60 1.71 18.00
CA ALA B 83 32.35 2.13 19.17
C ALA B 83 32.03 3.57 19.54
N ARG B 84 31.45 4.35 18.63
CA ARG B 84 31.19 5.75 18.87
C ARG B 84 29.76 6.04 19.32
N VAL B 85 28.78 5.31 18.78
CA VAL B 85 27.38 5.55 19.10
C VAL B 85 26.66 4.30 19.58
N GLY B 86 27.35 3.17 19.67
CA GLY B 86 26.75 1.96 20.17
C GLY B 86 26.43 0.96 19.06
N GLN B 87 26.18 -0.30 19.47
CA GLN B 87 25.90 -1.42 18.54
C GLN B 87 24.47 -1.54 17.73
N GLU B 88 23.09 -1.77 18.20
CA GLU B 88 22.21 -0.47 18.20
C GLU B 88 22.43 0.39 16.83
N ALA B 89 23.11 1.56 16.74
CA ALA B 89 22.67 2.48 15.70
C ALA B 89 23.37 2.24 14.41
N VAL B 90 24.17 1.18 14.28
CA VAL B 90 24.92 0.98 13.05
C VAL B 90 24.78 -0.46 12.59
N THR B 91 24.55 -0.64 11.30
CA THR B 91 24.38 -1.96 10.69
C THR B 91 25.30 -2.11 9.50
N LEU B 92 25.85 -3.32 9.33
CA LEU B 92 26.63 -3.67 8.16
C LEU B 92 25.67 -3.99 7.02
N ARG B 93 25.57 -3.09 6.04
CA ARG B 93 24.60 -3.23 4.97
C ARG B 93 25.00 -2.33 3.81
N ARG B 94 24.80 -2.82 2.60
CA ARG B 94 25.04 -1.99 1.42
C ARG B 94 23.84 -1.13 1.10
N MET B 95 24.10 0.03 0.51
CA MET B 95 22.99 0.91 0.12
C MET B 95 22.12 0.24 -0.94
N GLU B 96 22.70 -0.68 -1.71
CA GLU B 96 21.95 -1.46 -2.68
C GLU B 96 20.96 -2.40 -2.03
N GLU B 97 21.00 -2.55 -0.71
CA GLU B 97 20.09 -3.43 0.01
C GLU B 97 19.06 -2.68 0.86
N ILE B 98 19.03 -1.34 0.78
CA ILE B 98 18.01 -0.59 1.50
C ILE B 98 16.63 -1.04 1.05
N ASP B 99 15.80 -1.44 2.02
CA ASP B 99 14.45 -1.92 1.73
C ASP B 99 13.41 -1.32 2.65
N GLU B 100 13.74 -0.28 3.41
CA GLU B 100 12.75 0.38 4.25
C GLU B 100 11.69 1.08 3.40
N GLU B 101 10.49 1.22 3.97
CA GLU B 101 9.39 1.93 3.34
C GLU B 101 8.87 2.98 4.31
N GLY B 102 9.16 4.25 4.04
CA GLY B 102 8.66 5.33 4.87
C GLY B 102 9.20 5.35 6.27
N ALA B 103 10.39 4.77 6.49
CA ALA B 103 10.93 4.63 7.83
C ALA B 103 11.63 5.89 8.32
N TYR B 104 12.02 6.79 7.41
CA TYR B 104 12.90 7.90 7.75
C TYR B 104 12.30 9.23 7.33
N ASP B 105 12.62 10.26 8.09
CA ASP B 105 12.33 11.64 7.72
C ASP B 105 13.46 12.27 6.92
N LEU B 106 14.69 11.77 7.11
CA LEU B 106 15.86 12.34 6.47
C LEU B 106 16.86 11.23 6.18
N VAL B 107 17.39 11.22 4.96
CA VAL B 107 18.41 10.28 4.54
C VAL B 107 19.60 11.10 4.07
N VAL B 108 20.77 10.78 4.61
CA VAL B 108 21.98 11.55 4.37
C VAL B 108 23.04 10.61 3.81
N SER B 109 23.85 11.13 2.89
CA SER B 109 25.00 10.40 2.36
C SER B 109 26.07 11.43 2.01
N LEU B 110 27.09 11.53 2.86
CA LEU B 110 28.12 12.55 2.72
C LEU B 110 29.42 11.95 2.19
N CYS B 111 30.28 12.84 1.69
CA CYS B 111 31.64 12.49 1.27
C CYS B 111 31.68 11.43 0.17
N TRP B 112 30.78 11.56 -0.79
CA TRP B 112 30.87 10.86 -2.07
C TRP B 112 30.55 9.37 -1.98
N THR B 113 29.96 8.91 -0.88
CA THR B 113 29.51 7.52 -0.78
C THR B 113 28.64 7.11 -1.96
N ILE B 114 27.72 7.99 -2.38
CA ILE B 114 26.73 7.61 -3.39
C ILE B 114 27.39 7.21 -4.71
N HIS B 115 28.58 7.71 -4.99
CA HIS B 115 29.24 7.42 -6.24
C HIS B 115 29.88 6.04 -6.29
N TYR B 116 29.82 5.28 -5.19
CA TYR B 116 30.21 3.88 -5.25
C TYR B 116 29.09 3.01 -5.82
N SER B 117 27.95 3.60 -6.14
CA SER B 117 26.95 2.91 -6.96
C SER B 117 27.57 2.46 -8.27
N ALA B 118 27.03 1.38 -8.84
CA ALA B 118 27.55 0.79 -10.08
C ALA B 118 26.91 1.48 -11.27
N GLY B 119 27.55 2.56 -11.71
CA GLY B 119 27.07 3.27 -12.87
C GLY B 119 25.72 3.93 -12.64
N ARG B 120 25.16 4.46 -13.73
CA ARG B 120 23.91 5.18 -13.63
C ARG B 120 22.77 4.25 -13.20
N ALA B 121 22.73 3.04 -13.76
CA ALA B 121 21.70 2.09 -13.36
C ALA B 121 21.79 1.75 -11.88
N GLY B 122 23.00 1.70 -11.34
CA GLY B 122 23.15 1.45 -9.92
C GLY B 122 22.73 2.63 -9.07
N LEU B 123 23.07 3.84 -9.51
CA LEU B 123 22.66 5.03 -8.78
C LEU B 123 21.14 5.19 -8.78
N LEU B 124 20.51 5.01 -9.94
CA LEU B 124 19.05 5.11 -10.00
C LEU B 124 18.40 4.14 -9.04
N ASP B 125 18.90 2.90 -8.99
CA ASP B 125 18.35 1.92 -8.06
C ASP B 125 18.49 2.40 -6.62
N VAL B 126 19.67 2.90 -6.24
CA VAL B 126 19.88 3.35 -4.87
C VAL B 126 19.00 4.56 -4.57
N LEU B 127 18.90 5.50 -5.51
CA LEU B 127 18.06 6.66 -5.27
C LEU B 127 16.58 6.28 -5.14
N LYS B 128 16.13 5.25 -5.87
CA LYS B 128 14.76 4.79 -5.72
C LYS B 128 14.54 4.12 -4.36
N ARG B 129 15.56 3.44 -3.84
CA ARG B 129 15.47 2.87 -2.50
C ARG B 129 15.40 3.97 -1.44
N ILE B 130 16.16 5.04 -1.60
CA ILE B 130 16.08 6.15 -0.66
C ILE B 130 14.72 6.84 -0.75
N HIS B 131 14.23 7.06 -1.97
CA HIS B 131 12.88 7.62 -2.14
C HIS B 131 11.85 6.79 -1.39
N ARG B 132 11.87 5.47 -1.60
CA ARG B 132 10.91 4.61 -0.92
C ARG B 132 11.13 4.60 0.60
N ALA B 133 12.39 4.67 1.03
CA ALA B 133 12.69 4.61 2.46
C ALA B 133 12.23 5.87 3.19
N LEU B 134 12.05 6.95 2.47
CA LEU B 134 11.59 8.20 3.07
C LEU B 134 10.06 8.24 3.16
N ARG B 135 9.57 8.92 4.20
CA ARG B 135 8.16 9.23 4.32
C ARG B 135 7.78 10.31 3.33
N PRO B 136 6.50 10.40 2.96
CA PRO B 136 6.07 11.54 2.12
C PRO B 136 6.45 12.85 2.79
N GLY B 137 7.02 13.76 2.01
CA GLY B 137 7.61 14.96 2.56
C GLY B 137 9.01 14.81 3.08
N GLY B 138 9.55 13.59 3.13
CA GLY B 138 10.91 13.39 3.59
C GLY B 138 11.92 14.06 2.67
N ARG B 139 13.14 14.17 3.18
CA ARG B 139 14.19 14.91 2.50
C ARG B 139 15.48 14.10 2.49
N GLY B 140 16.27 14.30 1.44
CA GLY B 140 17.56 13.64 1.30
C GLY B 140 18.66 14.67 1.11
N ILE B 141 19.83 14.39 1.67
CA ILE B 141 21.01 15.26 1.54
C ILE B 141 22.16 14.37 1.09
N ILE B 142 22.64 14.58 -0.13
CA ILE B 142 23.65 13.73 -0.73
C ILE B 142 24.77 14.62 -1.24
N GLN B 143 25.96 14.47 -0.66
CA GLN B 143 27.13 15.21 -1.09
C GLN B 143 27.76 14.48 -2.27
N ILE B 144 27.92 15.16 -3.38
CA ILE B 144 28.35 14.52 -4.61
C ILE B 144 29.68 15.12 -5.05
N ALA B 145 30.25 14.56 -6.11
CA ALA B 145 31.46 15.07 -6.73
C ALA B 145 31.10 15.57 -8.13
N HIS B 146 31.41 16.83 -8.42
CA HIS B 146 31.29 17.37 -9.76
C HIS B 146 32.67 17.28 -10.38
N ALA B 147 32.90 16.23 -11.19
CA ALA B 147 34.25 15.95 -11.67
C ALA B 147 34.84 17.14 -12.42
N ALA B 148 34.01 17.94 -13.08
CA ALA B 148 34.53 19.08 -13.81
C ALA B 148 35.22 20.07 -12.89
N HIS B 149 34.86 20.08 -11.60
CA HIS B 149 35.41 21.03 -10.63
C HIS B 149 36.45 20.40 -9.71
N ALA B 150 36.91 19.20 -10.03
CA ALA B 150 37.86 18.53 -9.15
C ALA B 150 39.14 19.36 -8.99
N PRO B 151 39.79 19.26 -7.83
CA PRO B 151 41.09 19.91 -7.67
C PRO B 151 42.05 19.53 -8.79
N LYS B 152 42.77 20.52 -9.32
CA LYS B 152 43.79 20.29 -10.34
C LYS B 152 45.18 20.19 -9.72
N ARG B 153 45.28 19.50 -8.58
CA ARG B 153 46.50 19.36 -7.82
C ARG B 153 46.41 18.06 -7.04
N THR B 154 47.52 17.33 -6.95
CA THR B 154 47.57 16.15 -6.11
C THR B 154 47.66 16.60 -4.66
N LEU B 155 46.76 16.09 -3.83
CA LEU B 155 46.67 16.49 -2.42
C LEU B 155 47.48 15.53 -1.56
N GLU B 156 48.02 16.07 -0.46
CA GLU B 156 48.84 15.28 0.44
C GLU B 156 48.36 15.48 1.89
N SER B 157 48.38 14.39 2.64
CA SER B 157 48.15 14.41 4.08
C SER B 157 49.28 13.67 4.76
N ARG B 158 49.84 14.26 5.81
CA ARG B 158 50.88 13.64 6.63
C ARG B 158 50.39 13.55 8.06
N ILE B 159 50.56 12.39 8.68
CA ILE B 159 50.14 12.19 10.07
C ILE B 159 51.19 11.34 10.79
N PRO B 160 51.16 11.27 12.11
CA PRO B 160 52.19 10.50 12.84
C PRO B 160 52.04 9.00 12.62
N GLY B 161 53.15 8.29 12.84
CA GLY B 161 53.18 6.86 12.72
C GLY B 161 52.48 6.17 13.87
N PRO B 162 52.70 4.86 14.01
CA PRO B 162 51.99 4.12 15.06
C PRO B 162 52.48 4.43 16.45
N ASN B 163 53.70 4.96 16.57
CA ASN B 163 54.31 5.25 17.86
C ASN B 163 54.59 6.73 18.04
N GLY B 164 53.94 7.58 17.25
CA GLY B 164 54.10 9.01 17.33
C GLY B 164 55.10 9.61 16.36
N GLU B 165 55.79 8.79 15.58
CA GLU B 165 56.76 9.30 14.62
C GLU B 165 56.11 10.35 13.73
N PRO B 166 56.59 11.60 13.75
CA PRO B 166 55.76 12.72 13.30
C PRO B 166 55.21 12.62 11.88
N ASP B 167 56.07 12.56 10.88
CA ASP B 167 55.64 12.51 9.48
C ASP B 167 55.83 11.12 8.89
N ASP B 168 55.49 10.09 9.66
CA ASP B 168 55.75 8.71 9.27
C ASP B 168 54.76 8.21 8.21
N VAL B 169 53.56 8.77 8.19
CA VAL B 169 52.51 8.31 7.31
C VAL B 169 52.27 9.40 6.27
N VAL B 170 52.28 9.00 5.00
CA VAL B 170 52.07 9.92 3.90
C VAL B 170 50.93 9.36 3.06
N MET B 171 49.98 10.23 2.73
CA MET B 171 48.92 9.87 1.79
C MET B 171 48.84 10.90 0.68
N LEU B 172 48.68 10.44 -0.55
CA LEU B 172 48.59 11.28 -1.73
C LEU B 172 47.26 10.99 -2.41
N PHE B 173 46.52 12.03 -2.78
CA PHE B 173 45.21 11.90 -3.39
C PHE B 173 45.19 12.63 -4.72
N ARG B 174 44.65 11.99 -5.74
CA ARG B 174 44.39 12.66 -7.02
C ARG B 174 43.01 12.26 -7.53
N PHE B 175 42.25 13.25 -7.99
CA PHE B 175 40.91 13.05 -8.51
C PHE B 175 40.84 13.59 -9.94
N ARG B 176 40.34 12.77 -10.86
CA ARG B 176 40.34 13.18 -12.26
C ARG B 176 39.11 12.62 -12.95
N PRO B 177 38.48 13.39 -13.84
CA PRO B 177 37.39 12.83 -14.66
C PRO B 177 37.91 11.64 -15.46
N ALA B 178 37.08 10.60 -15.53
CA ALA B 178 37.49 9.38 -16.21
C ALA B 178 36.99 9.38 -17.64
N PRO B 179 37.72 8.70 -18.55
CA PRO B 179 37.31 8.67 -19.99
C PRO B 179 36.21 7.65 -20.26
N THR B 180 34.99 8.00 -19.83
CA THR B 180 33.83 7.12 -19.94
C THR B 180 32.66 7.92 -20.45
N GLU B 181 31.66 7.21 -21.01
CA GLU B 181 30.49 7.88 -21.53
C GLU B 181 29.59 8.40 -20.42
N GLU B 182 29.28 7.55 -19.43
CA GLU B 182 28.65 8.04 -18.20
C GLU B 182 29.67 8.87 -17.43
N PRO B 183 29.33 10.08 -16.98
CA PRO B 183 30.31 10.89 -16.25
C PRO B 183 30.80 10.15 -15.01
N SER B 184 32.13 9.99 -14.93
CA SER B 184 32.78 9.20 -13.90
C SER B 184 34.10 9.84 -13.50
N MET B 185 34.69 9.34 -12.43
CA MET B 185 35.90 9.92 -11.88
C MET B 185 36.79 8.84 -11.31
N HIS B 186 38.10 8.97 -11.52
CA HIS B 186 39.09 8.13 -10.86
C HIS B 186 39.56 8.85 -9.61
N ALA B 187 39.32 8.25 -8.46
CA ALA B 187 39.81 8.73 -7.17
C ALA B 187 40.99 7.84 -6.79
N GLU B 188 42.19 8.32 -7.04
CA GLU B 188 43.42 7.57 -6.77
C GLU B 188 44.00 8.00 -5.44
N TYR B 189 44.57 7.05 -4.70
CA TYR B 189 45.37 7.45 -3.56
C TYR B 189 46.50 6.48 -3.33
N VAL B 190 47.57 6.99 -2.71
CA VAL B 190 48.70 6.20 -2.27
C VAL B 190 48.78 6.35 -0.76
N TYR B 191 49.01 5.23 -0.07
CA TYR B 191 49.27 5.23 1.37
C TYR B 191 50.66 4.66 1.63
N ALA B 192 51.44 5.35 2.45
CA ALA B 192 52.75 4.87 2.85
C ALA B 192 52.94 5.11 4.34
N CYS B 193 53.44 4.10 5.03
CA CYS B 193 53.96 4.24 6.39
C CYS B 193 55.44 3.88 6.31
N LYS B 194 56.29 4.89 6.45
CA LYS B 194 57.72 4.68 6.24
C LYS B 194 58.28 3.67 7.24
N SER B 195 57.99 3.86 8.52
CA SER B 195 58.61 3.04 9.56
C SER B 195 58.16 1.58 9.49
N LEU B 196 56.96 1.34 8.97
CA LEU B 196 56.42 -0.01 8.88
C LEU B 196 56.62 -0.63 7.50
N ASN B 197 57.32 0.04 6.60
CA ASN B 197 57.60 -0.50 5.25
C ASN B 197 56.31 -0.82 4.51
N GLU B 198 55.31 0.04 4.64
CA GLU B 198 54.01 -0.15 4.03
C GLU B 198 53.84 0.81 2.86
N LEU B 199 53.29 0.31 1.76
CA LEU B 199 53.01 1.13 0.59
C LEU B 199 51.85 0.52 -0.17
N LEU B 200 50.88 1.36 -0.55
CA LEU B 200 49.67 0.90 -1.20
C LEU B 200 49.20 1.93 -2.20
N TYR B 201 48.81 1.45 -3.38
CA TYR B 201 48.14 2.27 -4.38
C TYR B 201 46.78 1.66 -4.63
N GLU B 202 45.77 2.52 -4.74
CA GLU B 202 44.39 2.07 -4.94
C GLU B 202 43.66 3.14 -5.74
N ASN B 203 42.85 2.68 -6.70
CA ASN B 203 42.12 3.55 -7.61
C ASN B 203 40.62 3.23 -7.50
N HIS B 204 39.84 4.16 -6.96
CA HIS B 204 38.41 3.98 -6.80
C HIS B 204 37.68 4.55 -8.02
N LEU B 205 36.80 3.75 -8.61
CA LEU B 205 35.95 4.21 -9.70
C LEU B 205 34.67 4.80 -9.12
N LEU B 206 34.45 6.09 -9.34
CA LEU B 206 33.28 6.80 -8.86
C LEU B 206 32.35 7.11 -10.03
N SER B 207 31.09 6.73 -9.89
CA SER B 207 30.11 6.83 -10.98
C SER B 207 29.22 8.04 -10.81
N MET B 208 28.83 8.63 -11.95
CA MET B 208 27.83 9.71 -12.01
C MET B 208 28.29 10.96 -11.27
N THR B 209 29.56 11.30 -11.44
CA THR B 209 30.16 12.46 -10.77
C THR B 209 29.93 13.73 -11.58
N ASP B 210 28.66 14.09 -11.75
CA ASP B 210 28.27 15.31 -12.43
C ASP B 210 26.95 15.77 -11.83
N ALA B 211 26.90 17.03 -11.37
CA ALA B 211 25.71 17.52 -10.68
C ALA B 211 24.50 17.49 -11.60
N HIS B 212 24.68 17.82 -12.86
CA HIS B 212 23.56 17.84 -13.80
C HIS B 212 23.08 16.43 -14.11
N ALA B 213 23.99 15.50 -14.36
CA ALA B 213 23.58 14.12 -14.60
C ALA B 213 23.00 13.53 -13.33
N PHE B 214 23.58 13.84 -12.18
CA PHE B 214 23.05 13.34 -10.93
C PHE B 214 21.64 13.88 -10.67
N ALA B 215 21.43 15.18 -10.89
CA ALA B 215 20.11 15.76 -10.66
C ALA B 215 19.05 15.09 -11.53
N ALA B 216 19.37 14.81 -12.78
CA ALA B 216 18.40 14.17 -13.66
C ALA B 216 18.11 12.74 -13.20
N CYS B 217 19.10 12.07 -12.63
CA CYS B 217 18.87 10.73 -12.10
C CYS B 217 17.95 10.76 -10.89
N ALA B 218 18.14 11.75 -10.00
CA ALA B 218 17.27 11.87 -8.84
C ALA B 218 15.83 12.18 -9.25
N ARG B 219 15.65 12.97 -10.31
CA ARG B 219 14.30 13.23 -10.79
C ARG B 219 13.67 11.96 -11.34
N GLU B 220 14.44 11.14 -12.06
CA GLU B 220 13.90 9.88 -12.55
C GLU B 220 13.56 8.92 -11.42
N ALA B 221 14.29 9.03 -10.30
CA ALA B 221 14.01 8.21 -9.13
C ALA B 221 12.73 8.62 -8.41
N GLY B 222 12.13 9.75 -8.79
CA GLY B 222 10.83 10.15 -8.28
C GLY B 222 10.83 11.38 -7.40
N PHE B 223 11.97 12.01 -7.16
CA PHE B 223 11.99 13.13 -6.22
C PHE B 223 11.34 14.35 -6.83
N ALA B 224 10.44 14.99 -6.07
CA ALA B 224 9.70 16.13 -6.57
C ALA B 224 10.60 17.35 -6.75
N GLN B 225 11.39 17.68 -5.73
CA GLN B 225 12.32 18.79 -5.79
C GLN B 225 13.75 18.27 -5.79
N VAL B 226 14.64 18.99 -6.47
CA VAL B 226 16.07 18.70 -6.43
C VAL B 226 16.80 20.04 -6.47
N THR B 227 17.56 20.33 -5.42
CA THR B 227 18.30 21.57 -5.29
C THR B 227 19.76 21.24 -5.04
N VAL B 228 20.65 21.89 -5.77
CA VAL B 228 22.09 21.70 -5.61
C VAL B 228 22.67 22.97 -5.00
N TYR B 229 23.25 22.84 -3.82
CA TYR B 229 23.87 23.94 -3.12
C TYR B 229 25.39 23.85 -3.26
N ASP B 230 26.03 25.00 -3.41
CA ASP B 230 27.48 25.01 -3.49
C ASP B 230 28.12 24.43 -2.24
N SER B 231 27.49 24.64 -1.07
CA SER B 231 28.04 24.21 0.19
C SER B 231 26.93 24.29 1.24
N SER B 232 27.29 23.99 2.49
CA SER B 232 26.33 24.09 3.57
C SER B 232 25.82 25.51 3.78
N LYS B 233 26.45 26.52 3.16
CA LYS B 233 25.96 27.88 3.30
C LYS B 233 24.67 28.11 2.52
N ARG B 234 24.29 27.16 1.66
CA ARG B 234 23.06 27.21 0.88
C ARG B 234 23.11 28.21 -0.27
N ALA B 235 24.30 28.61 -0.72
CA ALA B 235 24.41 29.39 -1.94
C ALA B 235 24.19 28.48 -3.15
N PRO B 236 23.68 29.03 -4.25
CA PRO B 236 23.48 28.21 -5.44
C PRO B 236 24.77 27.53 -5.89
N PHE B 237 24.62 26.36 -6.49
CA PHE B 237 25.75 25.63 -7.04
C PHE B 237 26.59 26.53 -7.92
N SER B 238 27.88 26.60 -7.62
CA SER B 238 28.82 27.33 -8.45
C SER B 238 30.27 26.96 -8.12
N ALA B 239 30.88 26.13 -8.94
CA ALA B 239 32.30 25.81 -8.94
C ALA B 239 32.76 24.88 -7.83
N ALA B 240 31.90 24.46 -6.91
CA ALA B 240 32.36 23.59 -5.84
C ALA B 240 32.68 22.20 -6.37
N PRO B 241 33.73 21.55 -5.86
CA PRO B 241 33.98 20.16 -6.26
C PRO B 241 33.05 19.16 -5.58
N ASN B 242 32.50 19.52 -4.42
CA ASN B 242 31.74 18.60 -3.57
C ASN B 242 30.42 19.25 -3.18
N PRO B 243 29.58 19.58 -4.16
CA PRO B 243 28.30 20.25 -3.85
C PRO B 243 27.35 19.33 -3.07
N LEU B 244 26.37 19.96 -2.45
CA LEU B 244 25.34 19.26 -1.68
C LEU B 244 24.05 19.24 -2.48
N VAL B 245 23.52 18.04 -2.71
CA VAL B 245 22.27 17.86 -3.45
C VAL B 245 21.16 17.59 -2.45
N CYS B 246 20.13 18.42 -2.45
CA CYS B 246 18.99 18.26 -1.56
C CYS B 246 17.78 17.86 -2.36
N VAL B 247 17.13 16.77 -1.94
CA VAL B 247 15.97 16.23 -2.63
C VAL B 247 14.83 16.10 -1.65
N GLU B 248 13.60 16.23 -2.14
CA GLU B 248 12.42 16.08 -1.30
C GLU B 248 11.44 15.12 -1.96
N LYS B 249 10.89 14.22 -1.17
CA LYS B 249 9.82 13.35 -1.63
C LYS B 249 8.49 14.07 -1.50
N ALA B 250 7.69 14.06 -2.57
CA ALA B 250 6.42 14.76 -2.55
C ALA B 250 5.56 14.28 -1.39
N HIS B 251 4.82 15.22 -0.79
CA HIS B 251 3.96 14.86 0.32
C HIS B 251 2.54 14.49 -0.12
N ASP B 252 2.15 14.85 -1.34
CA ASP B 252 0.79 14.76 -1.83
C ASP B 252 0.78 14.17 -3.23
N VAL B 253 1.54 13.09 -3.42
CA VAL B 253 1.83 12.64 -4.78
C VAL B 253 0.71 11.61 -5.13
N GLY C 4 -25.44 15.75 6.37
CA GLY C 4 -25.64 14.96 7.61
C GLY C 4 -24.52 15.18 8.61
N GLY C 5 -24.78 14.87 9.89
CA GLY C 5 -23.82 15.10 10.94
C GLY C 5 -23.71 16.57 11.28
N GLY C 6 -23.41 17.39 10.26
CA GLY C 6 -23.50 18.82 10.40
C GLY C 6 -24.87 19.35 10.02
N GLY C 7 -25.89 18.52 10.21
CA GLY C 7 -27.25 18.89 9.90
C GLY C 7 -28.04 19.38 11.10
N TYR C 8 -27.45 19.28 12.29
CA TYR C 8 -28.10 19.80 13.49
C TYR C 8 -28.23 21.32 13.41
N HIS C 9 -29.30 21.85 14.00
CA HIS C 9 -29.52 23.30 13.98
C HIS C 9 -28.42 24.04 14.72
N LEU C 10 -27.82 23.41 15.73
CA LEU C 10 -26.70 24.03 16.43
C LEU C 10 -25.58 24.42 15.47
N PHE C 11 -25.39 23.65 14.40
CA PHE C 11 -24.29 23.85 13.47
C PHE C 11 -24.72 24.57 12.20
N ASN C 12 -25.96 25.04 12.14
CA ASN C 12 -26.43 25.79 10.98
C ASN C 12 -27.02 27.13 11.42
N GLU C 13 -28.32 27.16 11.74
CA GLU C 13 -28.94 28.42 12.13
C GLU C 13 -28.18 29.09 13.28
N LEU C 14 -27.68 28.29 14.22
CA LEU C 14 -26.99 28.81 15.39
C LEU C 14 -25.48 28.58 15.34
N ALA C 15 -24.90 28.41 14.15
CA ALA C 15 -23.47 28.16 14.05
C ALA C 15 -22.67 29.27 14.70
N HIS C 16 -23.01 30.53 14.38
CA HIS C 16 -22.29 31.66 14.97
C HIS C 16 -22.51 31.73 16.48
N SER C 17 -23.75 31.53 16.94
CA SER C 17 -24.00 31.51 18.37
C SER C 17 -23.21 30.41 19.07
N TYR C 18 -22.96 29.29 18.37
CA TYR C 18 -22.16 28.22 18.96
C TYR C 18 -20.80 28.74 19.41
N ASP C 19 -20.13 29.52 18.55
CA ASP C 19 -18.85 30.10 18.94
C ASP C 19 -19.00 30.97 20.17
N LEU C 20 -19.93 31.93 20.12
CA LEU C 20 -20.05 32.94 21.18
C LEU C 20 -20.22 32.33 22.56
N HIS C 21 -20.64 31.07 22.66
CA HIS C 21 -20.91 30.44 23.94
C HIS C 21 -19.81 29.49 24.38
N THR C 22 -18.76 29.31 23.60
CA THR C 22 -17.67 28.42 24.01
C THR C 22 -16.67 29.20 24.86
N PRO C 23 -16.25 28.66 26.01
CA PRO C 23 -15.31 29.39 26.88
C PRO C 23 -14.06 29.82 26.12
N PRO C 24 -13.83 31.12 25.99
CA PRO C 24 -12.54 31.60 25.47
C PRO C 24 -11.33 30.83 25.98
N GLU C 25 -11.25 30.54 27.28
CA GLU C 25 -10.04 29.93 27.81
C GLU C 25 -9.80 28.51 27.30
N ASN C 26 -10.80 27.89 26.64
CA ASN C 26 -10.57 26.63 25.94
C ASN C 26 -9.91 26.87 24.60
N PHE C 27 -10.51 27.73 23.77
CA PHE C 27 -9.95 28.03 22.46
C PHE C 27 -8.49 28.45 22.56
N GLN C 28 -8.13 29.21 23.59
CA GLN C 28 -6.76 29.68 23.73
C GLN C 28 -5.79 28.51 23.93
N HIS C 29 -6.03 27.70 24.96
CA HIS C 29 -5.08 26.64 25.32
C HIS C 29 -5.13 25.47 24.34
N ASP C 30 -6.33 25.12 23.86
CA ASP C 30 -6.44 23.95 22.97
C ASP C 30 -5.80 24.22 21.62
N HIS C 31 -5.99 25.43 21.09
CA HIS C 31 -5.39 25.77 19.81
C HIS C 31 -3.87 25.91 19.93
N ALA C 32 -3.38 26.40 21.07
CA ALA C 32 -1.94 26.46 21.28
C ALA C 32 -1.34 25.06 21.35
N PHE C 33 -2.05 24.13 21.99
CA PHE C 33 -1.60 22.74 22.02
C PHE C 33 -1.42 22.18 20.62
N VAL C 34 -2.38 22.46 19.73
CA VAL C 34 -2.30 21.99 18.35
C VAL C 34 -1.09 22.59 17.66
N LEU C 35 -0.93 23.91 17.77
CA LEU C 35 0.17 24.58 17.08
C LEU C 35 1.51 24.07 17.58
N GLU C 36 1.61 23.78 18.87
CA GLU C 36 2.85 23.23 19.42
C GLU C 36 3.16 21.87 18.80
N GLU C 37 2.17 20.99 18.74
CA GLU C 37 2.39 19.68 18.12
C GLU C 37 2.75 19.83 16.65
N ALA C 38 2.13 20.79 15.96
CA ALA C 38 2.50 21.05 14.58
C ALA C 38 3.98 21.41 14.47
N ARG C 39 4.47 22.26 15.37
CA ARG C 39 5.88 22.64 15.34
C ARG C 39 6.80 21.44 15.47
N SER C 40 6.42 20.47 16.29
CA SER C 40 7.24 19.29 16.51
C SER C 40 7.13 18.27 15.39
N LEU C 41 6.31 18.54 14.37
CA LEU C 41 6.21 17.68 13.20
C LEU C 41 6.97 18.23 12.01
N GLY C 42 7.74 19.29 12.19
CA GLY C 42 8.50 19.89 11.11
C GLY C 42 7.74 21.00 10.42
N THR C 43 8.48 21.76 9.60
CA THR C 43 7.94 22.91 8.89
C THR C 43 8.29 22.76 7.41
N PRO C 44 7.34 22.96 6.50
CA PRO C 44 5.93 23.35 6.73
C PRO C 44 5.04 22.17 7.09
N CYS C 45 4.29 22.30 8.19
CA CYS C 45 3.41 21.22 8.64
C CYS C 45 2.11 21.25 7.86
N ARG C 46 1.66 20.07 7.44
CA ARG C 46 0.40 19.90 6.74
C ARG C 46 -0.62 19.41 7.75
N LEU C 47 -1.60 20.25 8.05
CA LEU C 47 -2.60 20.00 9.08
C LEU C 47 -3.99 19.90 8.47
N LEU C 48 -4.75 18.90 8.90
CA LEU C 48 -6.16 18.77 8.55
C LEU C 48 -6.99 18.95 9.82
N ASP C 49 -7.91 19.89 9.79
CA ASP C 49 -8.83 20.14 10.90
C ASP C 49 -10.18 19.51 10.53
N VAL C 50 -10.49 18.38 11.15
CA VAL C 50 -11.72 17.64 10.88
C VAL C 50 -12.84 18.21 11.73
N GLY C 51 -13.84 18.78 11.08
CA GLY C 51 -14.88 19.50 11.78
C GLY C 51 -14.36 20.84 12.23
N CYS C 52 -13.88 21.64 11.28
CA CYS C 52 -13.19 22.88 11.59
C CYS C 52 -14.13 23.96 12.08
N GLY C 53 -15.44 23.74 12.05
CA GLY C 53 -16.37 24.76 12.51
C GLY C 53 -16.16 26.05 11.75
N THR C 54 -16.14 27.17 12.48
CA THR C 54 -15.99 28.48 11.86
C THR C 54 -14.54 28.82 11.54
N GLY C 55 -13.60 27.92 11.78
CA GLY C 55 -12.25 28.07 11.28
C GLY C 55 -11.30 28.85 12.14
N ALA C 56 -11.62 29.09 13.41
CA ALA C 56 -10.72 29.86 14.28
C ALA C 56 -9.34 29.21 14.32
N LEU C 57 -9.29 27.88 14.47
CA LEU C 57 -8.02 27.18 14.53
C LEU C 57 -7.27 27.27 13.20
N LEU C 58 -7.99 27.16 12.09
CA LEU C 58 -7.35 27.27 10.79
C LEU C 58 -6.64 28.61 10.64
N GLU C 59 -7.31 29.70 11.03
CA GLU C 59 -6.72 31.02 10.90
C GLU C 59 -5.44 31.12 11.71
N LYS C 60 -5.46 30.62 12.95
CA LYS C 60 -4.26 30.66 13.77
C LYS C 60 -3.13 29.82 13.16
N ALA C 61 -3.49 28.67 12.60
CA ALA C 61 -2.47 27.78 12.05
C ALA C 61 -1.81 28.38 10.82
N ARG C 62 -2.61 28.95 9.91
CA ARG C 62 -2.05 29.51 8.68
C ARG C 62 -1.28 30.79 8.96
N ASN C 63 -1.64 31.51 10.03
CA ASN C 63 -0.87 32.67 10.42
C ASN C 63 0.48 32.30 11.02
N ALA C 64 0.66 31.03 11.40
CA ALA C 64 1.90 30.57 12.01
C ALA C 64 2.78 29.79 11.05
N GLY C 65 2.40 29.71 9.79
CA GLY C 65 3.20 28.99 8.82
C GLY C 65 2.82 27.55 8.60
N ILE C 66 1.65 27.13 9.07
CA ILE C 66 1.19 25.76 8.88
C ILE C 66 0.31 25.72 7.64
N LEU C 67 0.53 24.71 6.80
CA LEU C 67 -0.34 24.43 5.65
C LEU C 67 -1.59 23.73 6.19
N ALA C 68 -2.56 24.53 6.63
CA ALA C 68 -3.73 24.02 7.31
C ALA C 68 -4.96 24.06 6.41
N THR C 69 -5.66 22.94 6.32
CA THR C 69 -6.93 22.87 5.62
C THR C 69 -7.97 22.25 6.56
N GLY C 70 -9.23 22.51 6.27
CA GLY C 70 -10.31 22.04 7.10
C GLY C 70 -11.45 21.47 6.29
N ILE C 71 -12.18 20.53 6.90
CA ILE C 71 -13.44 20.05 6.37
C ILE C 71 -14.48 20.19 7.46
N ASP C 72 -15.73 20.40 7.04
CA ASP C 72 -16.87 20.40 7.95
C ASP C 72 -18.07 19.93 7.15
N ALA C 73 -19.00 19.27 7.84
CA ALA C 73 -20.21 18.74 7.22
C ALA C 73 -21.34 19.76 7.16
N SER C 74 -21.19 20.89 7.85
CA SER C 74 -22.22 21.93 7.83
C SER C 74 -21.94 22.96 6.76
N PRO C 75 -22.87 23.21 5.83
CA PRO C 75 -22.65 24.29 4.86
C PRO C 75 -22.43 25.65 5.51
N LYS C 76 -23.15 25.95 6.58
CA LYS C 76 -22.98 27.24 7.24
C LYS C 76 -21.61 27.37 7.89
N MET C 77 -21.15 26.30 8.53
CA MET C 77 -19.80 26.30 9.09
C MET C 77 -18.76 26.58 8.01
N VAL C 78 -18.89 25.90 6.87
CA VAL C 78 -17.94 26.11 5.78
C VAL C 78 -17.98 27.56 5.32
N GLU C 79 -19.19 28.11 5.17
CA GLU C 79 -19.33 29.50 4.74
C GLU C 79 -18.59 30.43 5.70
N LEU C 80 -18.87 30.31 7.00
CA LEU C 80 -18.19 31.18 7.97
C LEU C 80 -16.69 30.94 7.95
N ALA C 81 -16.26 29.68 7.89
CA ALA C 81 -14.83 29.38 7.87
C ALA C 81 -14.16 29.95 6.61
N GLN C 82 -14.81 29.82 5.46
CA GLN C 82 -14.26 30.39 4.23
C GLN C 82 -14.24 31.91 4.29
N ALA C 83 -15.20 32.52 4.99
CA ALA C 83 -15.15 33.97 5.20
C ALA C 83 -13.94 34.38 6.01
N ARG C 84 -13.35 33.47 6.78
CA ARG C 84 -12.23 33.76 7.66
C ARG C 84 -10.88 33.44 7.03
N VAL C 85 -10.73 32.27 6.43
CA VAL C 85 -9.45 31.82 5.90
C VAL C 85 -9.45 31.66 4.40
N GLY C 86 -10.53 31.99 3.72
CA GLY C 86 -10.56 31.92 2.28
C GLY C 86 -11.21 30.65 1.76
N GLN C 87 -11.47 30.66 0.46
CA GLN C 87 -12.31 29.64 -0.17
C GLN C 87 -11.62 28.29 -0.18
N GLU C 88 -10.38 28.23 -0.67
CA GLU C 88 -9.76 26.94 -0.96
C GLU C 88 -9.25 26.22 0.27
N ALA C 89 -9.17 26.88 1.42
CA ALA C 89 -8.67 26.21 2.62
C ALA C 89 -9.73 25.37 3.32
N VAL C 90 -10.99 25.46 2.90
CA VAL C 90 -12.10 24.79 3.57
C VAL C 90 -13.05 24.23 2.53
N THR C 91 -13.47 22.98 2.72
CA THR C 91 -14.47 22.36 1.86
C THR C 91 -15.53 21.64 2.69
N LEU C 92 -16.73 21.57 2.12
CA LEU C 92 -17.83 20.82 2.71
C LEU C 92 -17.60 19.33 2.46
N ARG C 93 -17.28 18.60 3.51
CA ARG C 93 -16.97 17.19 3.39
C ARG C 93 -17.15 16.51 4.74
N ARG C 94 -17.68 15.30 4.72
CA ARG C 94 -17.88 14.52 5.93
C ARG C 94 -16.60 13.76 6.28
N MET C 95 -16.34 13.63 7.58
CA MET C 95 -15.14 12.90 8.00
C MET C 95 -15.18 11.46 7.52
N GLU C 96 -16.38 10.91 7.35
CA GLU C 96 -16.55 9.57 6.81
C GLU C 96 -16.02 9.45 5.39
N GLU C 97 -15.69 10.55 4.72
CA GLU C 97 -15.27 10.54 3.33
C GLU C 97 -13.78 10.84 3.17
N ILE C 98 -13.05 11.00 4.27
CA ILE C 98 -11.61 11.23 4.18
C ILE C 98 -10.97 10.06 3.44
N ASP C 99 -10.20 10.38 2.39
CA ASP C 99 -9.55 9.33 1.61
C ASP C 99 -8.12 9.66 1.21
N GLU C 100 -7.55 10.76 1.68
CA GLU C 100 -6.16 11.06 1.39
C GLU C 100 -5.26 9.91 1.89
N GLU C 101 -4.08 9.82 1.29
CA GLU C 101 -3.08 8.82 1.66
C GLU C 101 -1.77 9.53 1.93
N GLY C 102 -1.40 9.62 3.21
CA GLY C 102 -0.11 10.19 3.58
C GLY C 102 0.03 11.65 3.23
N ALA C 103 -1.07 12.39 3.20
CA ALA C 103 -1.05 13.79 2.80
C ALA C 103 -0.79 14.74 3.96
N TYR C 104 -0.96 14.29 5.20
CA TYR C 104 -0.90 15.16 6.36
C TYR C 104 0.13 14.68 7.38
N ASP C 105 0.68 15.63 8.12
CA ASP C 105 1.52 15.34 9.28
C ASP C 105 0.72 15.33 10.57
N LEU C 106 -0.37 16.08 10.61
CA LEU C 106 -1.19 16.23 11.81
C LEU C 106 -2.65 16.33 11.41
N VAL C 107 -3.50 15.54 12.07
CA VAL C 107 -4.95 15.60 11.90
C VAL C 107 -5.56 15.93 13.24
N VAL C 108 -6.44 16.92 13.27
CA VAL C 108 -7.02 17.41 14.52
C VAL C 108 -8.54 17.40 14.40
N SER C 109 -9.19 17.03 15.50
CA SER C 109 -10.66 17.04 15.56
C SER C 109 -11.03 17.44 16.98
N LEU C 110 -11.37 18.71 17.17
CA LEU C 110 -11.69 19.25 18.48
C LEU C 110 -13.20 19.35 18.67
N CYS C 111 -13.59 19.62 19.91
CA CYS C 111 -14.98 19.93 20.27
C CYS C 111 -15.94 18.82 19.88
N TRP C 112 -15.53 17.58 20.10
CA TRP C 112 -16.40 16.40 20.06
C TRP C 112 -16.91 16.05 18.66
N THR C 113 -16.33 16.63 17.61
CA THR C 113 -16.73 16.28 16.25
C THR C 113 -16.75 14.78 16.04
N ILE C 114 -15.76 14.07 16.60
CA ILE C 114 -15.60 12.66 16.31
C ILE C 114 -16.77 11.83 16.82
N HIS C 115 -17.52 12.35 17.78
CA HIS C 115 -18.63 11.62 18.37
C HIS C 115 -19.89 11.67 17.52
N TYR C 116 -19.88 12.41 16.43
CA TYR C 116 -20.97 12.32 15.47
C TYR C 116 -20.77 11.19 14.47
N SER C 117 -19.70 10.41 14.62
CA SER C 117 -19.59 9.14 13.94
C SER C 117 -20.79 8.26 14.28
N ALA C 118 -21.13 7.35 13.36
CA ALA C 118 -22.28 6.48 13.52
C ALA C 118 -21.84 5.20 14.23
N GLY C 119 -21.81 5.28 15.57
CA GLY C 119 -21.51 4.13 16.39
C GLY C 119 -20.05 3.70 16.34
N ARG C 120 -19.81 2.54 16.93
CA ARG C 120 -18.46 1.99 16.95
C ARG C 120 -17.96 1.71 15.53
N ALA C 121 -18.80 1.07 14.71
CA ALA C 121 -18.39 0.75 13.34
C ALA C 121 -18.01 2.02 12.58
N GLY C 122 -18.76 3.10 12.80
CA GLY C 122 -18.49 4.34 12.10
C GLY C 122 -17.22 5.02 12.62
N LEU C 123 -17.03 5.01 13.93
CA LEU C 123 -15.83 5.63 14.48
C LEU C 123 -14.57 4.90 14.00
N LEU C 124 -14.58 3.57 14.05
CA LEU C 124 -13.42 2.80 13.62
C LEU C 124 -13.02 3.18 12.21
N ASP C 125 -14.00 3.39 11.34
CA ASP C 125 -13.69 3.69 9.95
C ASP C 125 -13.14 5.09 9.79
N VAL C 126 -13.67 6.05 10.55
CA VAL C 126 -13.11 7.41 10.51
C VAL C 126 -11.66 7.40 11.00
N LEU C 127 -11.39 6.68 12.09
CA LEU C 127 -10.03 6.63 12.61
C LEU C 127 -9.10 5.93 11.63
N LYS C 128 -9.59 4.89 10.95
CA LYS C 128 -8.76 4.23 9.94
C LYS C 128 -8.49 5.16 8.77
N ARG C 129 -9.47 5.99 8.39
CA ARG C 129 -9.25 6.94 7.32
C ARG C 129 -8.28 8.04 7.74
N ILE C 130 -8.37 8.49 8.99
CA ILE C 130 -7.37 9.41 9.51
C ILE C 130 -5.99 8.76 9.52
N HIS C 131 -5.92 7.50 9.96
CA HIS C 131 -4.65 6.78 9.97
C HIS C 131 -4.04 6.74 8.57
N ARG C 132 -4.87 6.42 7.56
CA ARG C 132 -4.36 6.36 6.20
C ARG C 132 -3.94 7.74 5.71
N ALA C 133 -4.68 8.78 6.12
CA ALA C 133 -4.39 10.12 5.65
C ALA C 133 -3.09 10.68 6.22
N LEU C 134 -2.61 10.10 7.32
CA LEU C 134 -1.37 10.55 7.94
C LEU C 134 -0.16 9.87 7.32
N ARG C 135 0.91 10.62 7.15
CA ARG C 135 2.20 10.05 6.79
C ARG C 135 2.68 9.17 7.94
N PRO C 136 3.55 8.21 7.64
CA PRO C 136 4.22 7.45 8.72
C PRO C 136 4.87 8.41 9.72
N GLY C 137 4.55 8.22 10.99
CA GLY C 137 5.00 9.11 12.03
C GLY C 137 4.06 10.27 12.30
N GLY C 138 3.10 10.52 11.41
CA GLY C 138 2.11 11.54 11.67
C GLY C 138 1.36 11.30 12.96
N ARG C 139 0.69 12.35 13.43
CA ARG C 139 0.02 12.33 14.71
C ARG C 139 -1.40 12.84 14.58
N GLY C 140 -2.24 12.44 15.53
CA GLY C 140 -3.60 12.92 15.59
C GLY C 140 -3.92 13.42 16.98
N ILE C 141 -4.77 14.44 17.03
CA ILE C 141 -5.24 15.04 18.28
C ILE C 141 -6.76 15.07 18.20
N ILE C 142 -7.42 14.34 19.08
CA ILE C 142 -8.87 14.19 19.06
C ILE C 142 -9.40 14.48 20.45
N GLN C 143 -10.19 15.54 20.57
CA GLN C 143 -10.83 15.91 21.82
C GLN C 143 -12.14 15.16 21.93
N ILE C 144 -12.31 14.43 23.03
CA ILE C 144 -13.46 13.55 23.17
C ILE C 144 -14.25 13.91 24.43
N ALA C 145 -15.39 13.25 24.61
CA ALA C 145 -16.19 13.34 25.83
C ALA C 145 -16.11 12.01 26.57
N HIS C 146 -15.78 12.07 27.85
CA HIS C 146 -15.82 10.89 28.72
C HIS C 146 -17.10 11.02 29.54
N ALA C 147 -18.18 10.36 29.08
CA ALA C 147 -19.50 10.60 29.67
C ALA C 147 -19.53 10.32 31.16
N ALA C 148 -18.72 9.38 31.64
CA ALA C 148 -18.75 9.03 33.06
C ALA C 148 -18.24 10.17 33.93
N HIS C 149 -17.56 11.16 33.34
CA HIS C 149 -17.10 12.32 34.09
C HIS C 149 -17.93 13.56 33.81
N ALA C 150 -19.00 13.44 33.04
CA ALA C 150 -19.84 14.59 32.74
C ALA C 150 -20.38 15.18 34.04
N PRO C 151 -20.50 16.50 34.14
CA PRO C 151 -21.07 17.09 35.36
C PRO C 151 -22.52 16.66 35.53
N LYS C 152 -22.88 16.36 36.78
CA LYS C 152 -24.26 15.99 37.09
C LYS C 152 -25.08 17.24 37.38
N ARG C 153 -24.99 18.20 36.47
CA ARG C 153 -25.70 19.47 36.57
C ARG C 153 -26.13 19.90 35.18
N THR C 154 -27.30 20.50 35.08
CA THR C 154 -27.67 21.23 33.86
C THR C 154 -26.92 22.55 33.86
N LEU C 155 -26.12 22.78 32.82
CA LEU C 155 -25.27 23.95 32.76
C LEU C 155 -25.97 25.08 32.03
N GLU C 156 -25.60 26.31 32.38
CA GLU C 156 -26.26 27.49 31.88
C GLU C 156 -25.24 28.50 31.40
N SER C 157 -25.50 29.12 30.25
CA SER C 157 -24.69 30.20 29.71
C SER C 157 -25.62 31.37 29.43
N ARG C 158 -25.29 32.55 29.99
CA ARG C 158 -26.10 33.75 29.83
C ARG C 158 -25.21 34.86 29.27
N ILE C 159 -25.60 35.42 28.14
CA ILE C 159 -24.82 36.48 27.49
C ILE C 159 -25.74 37.57 27.00
N PRO C 160 -25.19 38.76 26.74
CA PRO C 160 -26.02 39.89 26.30
C PRO C 160 -26.59 39.64 24.91
N GLY C 161 -27.70 40.33 24.64
CA GLY C 161 -28.41 40.17 23.40
C GLY C 161 -27.87 41.05 22.30
N PRO C 162 -28.47 40.94 21.11
CA PRO C 162 -27.96 41.71 19.95
C PRO C 162 -28.06 43.21 20.13
N ASN C 163 -28.86 43.69 21.08
CA ASN C 163 -28.92 45.12 21.38
C ASN C 163 -28.52 45.42 22.81
N GLY C 164 -27.70 44.57 23.40
CA GLY C 164 -27.08 44.84 24.68
C GLY C 164 -27.90 44.41 25.88
N GLU C 165 -29.13 43.97 25.67
CA GLU C 165 -29.96 43.48 26.77
C GLU C 165 -29.22 42.39 27.55
N PRO C 166 -28.92 42.60 28.82
CA PRO C 166 -28.15 41.57 29.54
C PRO C 166 -28.98 40.33 29.82
N ASP C 167 -28.34 39.18 29.72
CA ASP C 167 -29.00 37.89 29.92
C ASP C 167 -30.12 37.67 28.91
N ASP C 168 -30.06 38.37 27.77
CA ASP C 168 -31.06 38.19 26.73
C ASP C 168 -30.94 36.83 26.04
N VAL C 169 -29.71 36.31 25.94
CA VAL C 169 -29.46 35.03 25.29
C VAL C 169 -29.02 34.05 26.36
N VAL C 170 -29.72 32.92 26.44
CA VAL C 170 -29.43 31.89 27.42
C VAL C 170 -29.29 30.56 26.69
N MET C 171 -28.28 29.79 27.05
CA MET C 171 -28.17 28.42 26.62
C MET C 171 -28.11 27.50 27.83
N LEU C 172 -28.83 26.40 27.76
CA LEU C 172 -28.83 25.37 28.79
C LEU C 172 -28.28 24.10 28.16
N PHE C 173 -27.46 23.38 28.91
CA PHE C 173 -26.83 22.17 28.42
C PHE C 173 -26.98 21.07 29.45
N ARG C 174 -27.29 19.86 28.98
CA ARG C 174 -27.28 18.68 29.83
C ARG C 174 -26.67 17.52 29.06
N PHE C 175 -25.62 16.91 29.63
CA PHE C 175 -24.90 15.81 29.00
C PHE C 175 -25.02 14.59 29.90
N ARG C 176 -25.63 13.52 29.37
CA ARG C 176 -25.80 12.31 30.14
C ARG C 176 -25.57 11.03 29.34
N PRO C 177 -24.93 10.03 29.93
CA PRO C 177 -24.85 8.73 29.26
C PRO C 177 -26.21 8.27 28.75
N ALA C 178 -26.22 7.68 27.55
CA ALA C 178 -27.45 7.17 26.96
C ALA C 178 -27.58 5.68 27.21
N PRO C 179 -28.81 5.16 27.33
CA PRO C 179 -28.99 3.70 27.47
C PRO C 179 -28.89 2.98 26.12
N THR C 180 -27.66 2.90 25.60
CA THR C 180 -27.37 2.23 24.35
C THR C 180 -26.32 1.15 24.60
N GLU C 181 -26.18 0.24 23.64
CA GLU C 181 -25.15 -0.78 23.76
C GLU C 181 -23.77 -0.15 23.84
N GLU C 182 -23.42 0.64 22.84
CA GLU C 182 -22.13 1.30 22.78
C GLU C 182 -22.14 2.53 23.68
N PRO C 183 -21.00 2.82 24.36
CA PRO C 183 -20.95 4.01 25.21
C PRO C 183 -21.37 5.27 24.45
N SER C 184 -22.49 5.88 24.85
CA SER C 184 -23.00 7.04 24.13
C SER C 184 -23.53 8.05 25.14
N MET C 185 -23.83 9.24 24.64
CA MET C 185 -24.24 10.36 25.46
C MET C 185 -25.33 11.15 24.74
N HIS C 186 -26.40 11.47 25.45
CA HIS C 186 -27.35 12.46 24.97
C HIS C 186 -26.85 13.84 25.36
N ALA C 187 -26.59 14.68 24.36
CA ALA C 187 -26.14 16.05 24.58
C ALA C 187 -27.30 16.96 24.20
N GLU C 188 -28.04 17.43 25.20
CA GLU C 188 -29.20 18.28 24.98
C GLU C 188 -28.82 19.74 25.12
N TYR C 189 -29.30 20.57 24.18
CA TYR C 189 -29.05 22.00 24.15
C TYR C 189 -30.39 22.72 24.10
N VAL C 190 -30.51 23.81 24.85
CA VAL C 190 -31.63 24.73 24.69
C VAL C 190 -31.05 26.11 24.44
N TYR C 191 -31.49 26.75 23.36
CA TYR C 191 -31.09 28.10 23.00
C TYR C 191 -32.31 29.00 23.09
N ALA C 192 -32.16 30.16 23.73
CA ALA C 192 -33.20 31.16 23.74
C ALA C 192 -32.57 32.54 23.59
N CYS C 193 -33.18 33.36 22.74
CA CYS C 193 -32.91 34.79 22.71
C CYS C 193 -34.25 35.49 22.94
N LYS C 194 -34.41 36.10 24.12
CA LYS C 194 -35.71 36.59 24.54
C LYS C 194 -36.23 37.69 23.62
N SER C 195 -35.41 38.72 23.39
CA SER C 195 -35.85 39.87 22.60
C SER C 195 -36.17 39.50 21.16
N LEU C 196 -35.63 38.40 20.65
CA LEU C 196 -35.96 37.96 19.30
C LEU C 196 -37.02 36.86 19.26
N ASN C 197 -37.57 36.47 20.41
CA ASN C 197 -38.61 35.44 20.47
C ASN C 197 -38.12 34.12 19.88
N GLU C 198 -36.88 33.76 20.21
CA GLU C 198 -36.26 32.52 19.75
C GLU C 198 -36.16 31.52 20.89
N LEU C 199 -36.47 30.26 20.60
CA LEU C 199 -36.39 29.19 21.58
C LEU C 199 -36.19 27.89 20.82
N LEU C 200 -35.15 27.15 21.15
CA LEU C 200 -34.86 25.90 20.46
C LEU C 200 -34.39 24.86 21.47
N TYR C 201 -34.88 23.63 21.30
CA TYR C 201 -34.39 22.46 22.01
C TYR C 201 -33.89 21.47 20.95
N GLU C 202 -32.76 20.82 21.23
CA GLU C 202 -32.16 19.86 20.31
C GLU C 202 -31.35 18.86 21.12
N ASN C 203 -31.42 17.59 20.73
CA ASN C 203 -30.80 16.49 21.46
C ASN C 203 -29.86 15.77 20.51
N HIS C 204 -28.57 15.89 20.75
CA HIS C 204 -27.54 15.26 19.93
C HIS C 204 -27.18 13.90 20.52
N LEU C 205 -27.15 12.88 19.67
CA LEU C 205 -26.66 11.57 20.05
C LEU C 205 -25.17 11.51 19.72
N LEU C 206 -24.35 11.41 20.75
CA LEU C 206 -22.90 11.34 20.63
C LEU C 206 -22.45 9.91 20.91
N SER C 207 -21.65 9.35 20.00
CA SER C 207 -21.28 7.95 20.02
C SER C 207 -19.86 7.78 20.54
N MET C 208 -19.64 6.70 21.29
CA MET C 208 -18.30 6.30 21.73
C MET C 208 -17.71 7.32 22.72
N THR C 209 -18.56 7.80 23.63
CA THR C 209 -18.16 8.83 24.60
C THR C 209 -17.53 8.19 25.84
N ASP C 210 -16.41 7.52 25.60
CA ASP C 210 -15.64 6.90 26.69
C ASP C 210 -14.18 6.84 26.28
N ALA C 211 -13.31 7.45 27.09
CA ALA C 211 -11.88 7.52 26.73
C ALA C 211 -11.28 6.13 26.57
N HIS C 212 -11.66 5.18 27.43
CA HIS C 212 -11.07 3.85 27.36
C HIS C 212 -11.51 3.10 26.12
N ALA C 213 -12.81 3.18 25.80
CA ALA C 213 -13.31 2.56 24.58
C ALA C 213 -12.71 3.23 23.36
N PHE C 214 -12.61 4.56 23.41
CA PHE C 214 -12.06 5.31 22.28
C PHE C 214 -10.61 4.94 22.02
N ALA C 215 -9.80 4.85 23.09
CA ALA C 215 -8.40 4.48 22.92
C ALA C 215 -8.26 3.10 22.32
N ALA C 216 -9.11 2.16 22.74
CA ALA C 216 -9.10 0.82 22.16
C ALA C 216 -9.42 0.86 20.68
N CYS C 217 -10.41 1.69 20.29
CA CYS C 217 -10.74 1.82 18.87
C CYS C 217 -9.59 2.42 18.09
N ALA C 218 -8.94 3.45 18.64
CA ALA C 218 -7.76 4.01 17.98
C ALA C 218 -6.69 2.95 17.78
N ARG C 219 -6.50 2.08 18.78
CA ARG C 219 -5.53 1.00 18.63
C ARG C 219 -5.98 0.02 17.54
N GLU C 220 -7.25 -0.35 17.54
CA GLU C 220 -7.74 -1.25 16.49
C GLU C 220 -7.61 -0.62 15.11
N ALA C 221 -7.67 0.71 15.03
CA ALA C 221 -7.52 1.40 13.76
C ALA C 221 -6.07 1.45 13.27
N GLY C 222 -5.12 0.97 14.07
CA GLY C 222 -3.75 0.84 13.62
C GLY C 222 -2.74 1.76 14.27
N PHE C 223 -3.17 2.68 15.12
CA PHE C 223 -2.25 3.67 15.68
C PHE C 223 -1.31 3.00 16.66
N ALA C 224 -0.01 3.29 16.53
CA ALA C 224 1.01 2.60 17.29
C ALA C 224 1.03 3.03 18.76
N GLN C 225 0.72 4.29 19.04
CA GLN C 225 0.69 4.75 20.42
C GLN C 225 -0.49 5.68 20.62
N VAL C 226 -1.09 5.59 21.80
CA VAL C 226 -2.32 6.29 22.15
C VAL C 226 -2.14 6.86 23.54
N THR C 227 -2.22 8.19 23.66
CA THR C 227 -2.07 8.87 24.94
C THR C 227 -3.30 9.73 25.21
N VAL C 228 -3.90 9.55 26.38
CA VAL C 228 -5.05 10.34 26.78
C VAL C 228 -4.60 11.35 27.83
N TYR C 229 -4.73 12.63 27.51
CA TYR C 229 -4.40 13.71 28.44
C TYR C 229 -5.68 14.25 29.08
N ASP C 230 -5.55 14.66 30.34
CA ASP C 230 -6.70 15.22 31.03
C ASP C 230 -7.08 16.56 30.43
N SER C 231 -6.11 17.29 29.88
CA SER C 231 -6.35 18.57 29.23
C SER C 231 -5.14 18.91 28.38
N SER C 232 -5.13 20.10 27.78
CA SER C 232 -3.95 20.56 27.06
C SER C 232 -2.78 20.87 27.99
N LYS C 233 -3.01 20.96 29.29
CA LYS C 233 -1.91 21.02 30.25
C LYS C 233 -0.98 19.82 30.09
N ARG C 234 -1.51 18.71 29.59
CA ARG C 234 -0.81 17.44 29.41
C ARG C 234 -0.69 16.61 30.68
N ALA C 235 -1.56 16.84 31.66
CA ALA C 235 -1.61 15.95 32.80
C ALA C 235 -2.22 14.61 32.38
N PRO C 236 -1.84 13.51 33.03
CA PRO C 236 -2.44 12.22 32.67
C PRO C 236 -3.95 12.23 32.87
N PHE C 237 -4.64 11.41 32.08
CA PHE C 237 -6.09 11.34 32.19
C PHE C 237 -6.50 10.88 33.58
N SER C 238 -7.44 11.59 34.17
CA SER C 238 -7.91 11.23 35.50
C SER C 238 -9.41 11.46 35.65
N ALA C 239 -9.85 12.73 35.62
CA ALA C 239 -11.24 13.04 35.86
C ALA C 239 -11.84 14.04 34.87
N ALA C 240 -11.10 14.44 33.84
CA ALA C 240 -11.64 15.42 32.91
C ALA C 240 -12.86 14.84 32.17
N PRO C 241 -13.90 15.65 31.94
CA PRO C 241 -14.98 15.20 31.06
C PRO C 241 -14.67 15.32 29.58
N ASN C 242 -13.68 16.13 29.20
CA ASN C 242 -13.34 16.37 27.81
C ASN C 242 -11.85 16.18 27.61
N PRO C 243 -11.34 14.95 27.78
CA PRO C 243 -9.90 14.71 27.62
C PRO C 243 -9.48 14.80 26.15
N LEU C 244 -8.17 14.88 25.96
CA LEU C 244 -7.55 15.00 24.65
C LEU C 244 -6.80 13.70 24.34
N VAL C 245 -7.17 13.06 23.25
CA VAL C 245 -6.54 11.82 22.82
C VAL C 245 -5.51 12.14 21.75
N CYS C 246 -4.26 11.77 22.00
CA CYS C 246 -3.17 11.97 21.05
C CYS C 246 -2.70 10.61 20.56
N VAL C 247 -2.68 10.45 19.24
CA VAL C 247 -2.29 9.20 18.60
C VAL C 247 -1.13 9.46 17.65
N GLU C 248 -0.30 8.43 17.47
CA GLU C 248 0.81 8.52 16.52
C GLU C 248 0.80 7.31 15.61
N LYS C 249 0.89 7.55 14.30
CA LYS C 249 1.06 6.49 13.33
C LYS C 249 2.50 6.02 13.36
N ALA C 250 2.70 4.71 13.53
CA ALA C 250 4.00 4.09 13.83
C ALA C 250 5.16 4.92 13.30
N HIS C 251 5.60 4.63 12.07
CA HIS C 251 6.45 5.53 11.32
C HIS C 251 6.88 4.79 10.04
N GLY D 4 22.78 -7.13 -18.05
CA GLY D 4 23.61 -7.97 -17.14
C GLY D 4 23.80 -9.38 -17.67
N GLY D 5 22.91 -10.29 -17.27
CA GLY D 5 22.87 -11.60 -17.87
C GLY D 5 22.50 -11.57 -19.35
N GLY D 6 21.79 -10.52 -19.78
CA GLY D 6 21.45 -10.38 -21.18
C GLY D 6 22.61 -10.02 -22.09
N GLY D 7 23.78 -9.72 -21.52
CA GLY D 7 24.95 -9.35 -22.29
C GLY D 7 25.76 -10.50 -22.85
N TYR D 8 25.55 -11.72 -22.39
CA TYR D 8 26.30 -12.84 -22.90
C TYR D 8 26.09 -13.01 -24.41
N HIS D 9 27.11 -13.51 -25.10
CA HIS D 9 27.02 -13.66 -26.54
C HIS D 9 25.97 -14.69 -26.93
N LEU D 10 25.74 -15.69 -26.07
CA LEU D 10 24.74 -16.70 -26.36
C LEU D 10 23.37 -16.09 -26.59
N PHE D 11 23.11 -14.94 -25.95
CA PHE D 11 21.83 -14.27 -26.02
C PHE D 11 21.81 -13.09 -26.98
N ASN D 12 22.91 -12.84 -27.68
CA ASN D 12 22.96 -11.73 -28.62
C ASN D 12 23.35 -12.22 -30.01
N GLU D 13 24.65 -12.31 -30.29
CA GLU D 13 25.09 -12.72 -31.61
C GLU D 13 24.57 -14.10 -31.97
N LEU D 14 24.33 -14.95 -30.97
CA LEU D 14 23.93 -16.33 -31.20
C LEU D 14 22.46 -16.58 -30.90
N ALA D 15 21.69 -15.54 -30.59
CA ALA D 15 20.29 -15.74 -30.26
C ALA D 15 19.48 -16.27 -31.44
N HIS D 16 19.90 -15.95 -32.67
CA HIS D 16 19.15 -16.40 -33.84
C HIS D 16 19.15 -17.91 -33.95
N SER D 17 20.12 -18.58 -33.34
CA SER D 17 20.22 -20.03 -33.37
C SER D 17 19.68 -20.68 -32.10
N TYR D 18 19.06 -19.91 -31.20
CA TYR D 18 18.67 -20.47 -29.92
C TYR D 18 17.61 -21.56 -30.09
N ASP D 19 16.62 -21.33 -30.95
CA ASP D 19 15.56 -22.33 -31.15
C ASP D 19 16.03 -23.54 -31.94
N LEU D 20 17.24 -23.51 -32.50
CA LEU D 20 17.76 -24.63 -33.26
C LEU D 20 18.50 -25.62 -32.35
N HIS D 21 19.34 -25.11 -31.45
CA HIS D 21 20.00 -25.95 -30.47
C HIS D 21 19.13 -26.22 -29.24
N THR D 22 18.07 -25.44 -29.03
CA THR D 22 17.14 -25.66 -27.93
C THR D 22 15.72 -25.48 -28.49
N PRO D 23 15.22 -26.48 -29.21
CA PRO D 23 13.91 -26.31 -29.89
C PRO D 23 12.79 -26.08 -28.91
N PRO D 24 11.95 -25.06 -29.14
CA PRO D 24 10.90 -24.73 -28.15
C PRO D 24 9.93 -25.87 -27.85
N GLU D 25 9.54 -26.65 -28.86
CA GLU D 25 8.50 -27.65 -28.67
C GLU D 25 8.97 -28.85 -27.85
N ASN D 26 10.22 -28.86 -27.40
CA ASN D 26 10.66 -29.80 -26.38
C ASN D 26 10.18 -29.42 -24.98
N PHE D 27 9.73 -28.18 -24.81
CA PHE D 27 9.25 -27.63 -23.54
C PHE D 27 7.74 -27.43 -23.56
N GLN D 28 7.09 -28.17 -24.46
CA GLN D 28 5.64 -28.24 -24.65
C GLN D 28 4.91 -28.72 -23.41
N HIS D 29 5.51 -29.58 -22.60
CA HIS D 29 4.91 -29.91 -21.32
C HIS D 29 5.03 -28.74 -20.33
N ASP D 30 6.15 -28.02 -20.35
CA ASP D 30 6.30 -26.87 -19.46
C ASP D 30 5.31 -25.78 -19.81
N HIS D 31 5.11 -25.53 -21.10
CA HIS D 31 4.15 -24.52 -21.53
C HIS D 31 2.73 -24.90 -21.11
N ALA D 32 2.34 -26.14 -21.36
CA ALA D 32 1.04 -26.61 -20.89
C ALA D 32 0.91 -26.40 -19.39
N PHE D 33 1.98 -26.65 -18.64
CA PHE D 33 1.96 -26.45 -17.20
C PHE D 33 1.61 -25.01 -16.85
N VAL D 34 2.27 -24.05 -17.51
CA VAL D 34 2.02 -22.64 -17.21
C VAL D 34 0.57 -22.29 -17.53
N LEU D 35 0.06 -22.78 -18.65
CA LEU D 35 -1.31 -22.45 -19.02
C LEU D 35 -2.30 -23.04 -18.03
N GLU D 36 -2.03 -24.25 -17.54
CA GLU D 36 -2.89 -24.83 -16.51
C GLU D 36 -2.91 -23.93 -15.28
N GLU D 37 -1.74 -23.52 -14.82
CA GLU D 37 -1.67 -22.65 -13.65
C GLU D 37 -2.34 -21.33 -13.92
N ALA D 38 -2.40 -20.91 -15.19
CA ALA D 38 -3.14 -19.70 -15.53
C ALA D 38 -4.64 -19.89 -15.30
N ARG D 39 -5.21 -21.05 -15.66
CA ARG D 39 -6.61 -21.27 -15.29
C ARG D 39 -6.83 -21.26 -13.80
N SER D 40 -5.87 -21.78 -13.04
CA SER D 40 -6.11 -21.85 -11.61
C SER D 40 -6.07 -20.48 -10.95
N LEU D 41 -5.77 -19.44 -11.72
CA LEU D 41 -5.70 -18.08 -11.19
C LEU D 41 -6.78 -17.17 -11.75
N GLY D 42 -7.72 -17.71 -12.53
CA GLY D 42 -8.86 -16.95 -13.00
C GLY D 42 -8.64 -16.35 -14.38
N THR D 43 -9.64 -15.59 -14.83
CA THR D 43 -9.64 -14.96 -16.14
C THR D 43 -10.17 -13.54 -16.03
N PRO D 44 -9.54 -12.56 -16.71
CA PRO D 44 -8.29 -12.71 -17.48
C PRO D 44 -7.08 -12.85 -16.58
N CYS D 45 -6.09 -13.65 -17.00
CA CYS D 45 -4.85 -13.82 -16.26
C CYS D 45 -3.79 -12.90 -16.84
N ARG D 46 -3.20 -12.07 -16.00
CA ARG D 46 -2.08 -11.21 -16.38
C ARG D 46 -0.79 -11.92 -16.00
N LEU D 47 0.03 -12.21 -17.00
CA LEU D 47 1.26 -12.99 -16.83
C LEU D 47 2.46 -12.16 -17.26
N LEU D 48 3.50 -12.16 -16.43
CA LEU D 48 4.79 -11.60 -16.80
C LEU D 48 5.78 -12.75 -16.96
N ASP D 49 6.41 -12.81 -18.13
CA ASP D 49 7.44 -13.80 -18.41
C ASP D 49 8.80 -13.11 -18.29
N VAL D 50 9.55 -13.46 -17.24
CA VAL D 50 10.82 -12.83 -16.94
C VAL D 50 11.95 -13.58 -17.64
N GLY D 51 12.62 -12.91 -18.56
CA GLY D 51 13.61 -13.56 -19.40
C GLY D 51 12.94 -14.38 -20.48
N CYS D 52 12.10 -13.73 -21.28
CA CYS D 52 11.21 -14.46 -22.17
C CYS D 52 11.91 -15.06 -23.37
N GLY D 53 13.18 -14.73 -23.59
CA GLY D 53 13.91 -15.35 -24.69
C GLY D 53 13.25 -15.03 -26.02
N THR D 54 13.08 -16.06 -26.85
CA THR D 54 12.50 -15.86 -28.18
C THR D 54 10.98 -15.77 -28.17
N GLY D 55 10.34 -15.97 -27.02
CA GLY D 55 8.92 -15.72 -26.87
C GLY D 55 8.00 -16.88 -27.14
N ALA D 56 8.52 -18.12 -27.18
CA ALA D 56 7.65 -19.26 -27.43
C ALA D 56 6.55 -19.35 -26.38
N LEU D 57 6.87 -19.14 -25.11
CA LEU D 57 5.85 -19.23 -24.08
C LEU D 57 4.81 -18.12 -24.23
N LEU D 58 5.27 -16.89 -24.45
CA LEU D 58 4.35 -15.77 -24.58
C LEU D 58 3.36 -16.03 -25.70
N GLU D 59 3.82 -16.59 -26.82
CA GLU D 59 2.93 -16.85 -27.95
C GLU D 59 1.83 -17.82 -27.56
N LYS D 60 2.20 -18.96 -26.98
CA LYS D 60 1.20 -19.92 -26.54
C LYS D 60 0.25 -19.30 -25.52
N ALA D 61 0.80 -18.56 -24.56
CA ALA D 61 -0.03 -17.93 -23.54
C ALA D 61 -1.01 -16.95 -24.16
N ARG D 62 -0.56 -16.15 -25.12
CA ARG D 62 -1.43 -15.16 -25.74
C ARG D 62 -2.45 -15.82 -26.66
N ASN D 63 -2.07 -16.91 -27.33
CA ASN D 63 -3.04 -17.64 -28.14
C ASN D 63 -4.11 -18.30 -27.29
N ALA D 64 -3.84 -18.55 -26.02
CA ALA D 64 -4.84 -19.14 -25.12
C ALA D 64 -5.65 -18.08 -24.39
N GLY D 65 -5.47 -16.81 -24.70
CA GLY D 65 -6.24 -15.74 -24.09
C GLY D 65 -5.64 -15.17 -22.82
N ILE D 66 -4.39 -15.44 -22.53
CA ILE D 66 -3.73 -14.90 -21.34
C ILE D 66 -3.14 -13.55 -21.71
N LEU D 67 -3.30 -12.57 -20.81
CA LEU D 67 -2.71 -11.25 -20.98
C LEU D 67 -1.24 -11.36 -20.58
N ALA D 68 -0.44 -11.88 -21.51
CA ALA D 68 0.95 -12.22 -21.26
C ALA D 68 1.88 -11.21 -21.90
N THR D 69 2.79 -10.67 -21.10
CA THR D 69 3.87 -9.81 -21.58
C THR D 69 5.18 -10.35 -21.05
N GLY D 70 6.27 -9.94 -21.69
CA GLY D 70 7.58 -10.45 -21.35
C GLY D 70 8.60 -9.34 -21.23
N ILE D 71 9.67 -9.65 -20.51
CA ILE D 71 10.85 -8.81 -20.46
C ILE D 71 12.07 -9.68 -20.74
N ASP D 72 13.11 -9.07 -21.30
CA ASP D 72 14.39 -9.73 -21.48
C ASP D 72 15.46 -8.67 -21.53
N ALA D 73 16.62 -8.96 -20.93
CA ALA D 73 17.72 -8.02 -20.89
C ALA D 73 18.53 -7.99 -22.17
N SER D 74 18.31 -8.93 -23.10
CA SER D 74 19.05 -8.95 -24.35
C SER D 74 18.27 -8.21 -25.44
N PRO D 75 18.92 -7.30 -26.17
CA PRO D 75 18.18 -6.63 -27.24
C PRO D 75 17.74 -7.56 -28.37
N LYS D 76 18.54 -8.55 -28.81
CA LYS D 76 18.04 -9.37 -29.91
C LYS D 76 16.90 -10.26 -29.44
N MET D 77 17.04 -10.87 -28.25
CA MET D 77 15.98 -11.72 -27.71
C MET D 77 14.65 -10.99 -27.77
N VAL D 78 14.66 -9.71 -27.39
CA VAL D 78 13.45 -8.89 -27.49
C VAL D 78 13.01 -8.81 -28.94
N GLU D 79 13.96 -8.58 -29.86
CA GLU D 79 13.61 -8.50 -31.27
C GLU D 79 12.95 -9.79 -31.74
N LEU D 80 13.54 -10.93 -31.40
CA LEU D 80 12.97 -12.21 -31.80
C LEU D 80 11.59 -12.42 -31.17
N ALA D 81 11.46 -12.08 -29.89
CA ALA D 81 10.16 -12.25 -29.24
C ALA D 81 9.11 -11.32 -29.84
N GLN D 82 9.47 -10.07 -30.10
CA GLN D 82 8.53 -9.12 -30.68
C GLN D 82 8.11 -9.55 -32.08
N ALA D 83 9.05 -10.14 -32.84
CA ALA D 83 8.68 -10.69 -34.13
C ALA D 83 7.63 -11.78 -33.99
N ARG D 84 7.58 -12.45 -32.84
CA ARG D 84 6.67 -13.58 -32.63
C ARG D 84 5.31 -13.13 -32.10
N VAL D 85 5.27 -12.15 -31.19
CA VAL D 85 4.03 -11.77 -30.51
C VAL D 85 3.71 -10.30 -30.67
N GLY D 86 4.46 -9.58 -31.48
CA GLY D 86 4.26 -8.16 -31.57
C GLY D 86 5.09 -7.39 -30.55
N GLN D 87 5.29 -6.11 -30.86
CA GLN D 87 6.24 -5.17 -30.26
C GLN D 87 5.80 -4.56 -28.93
N GLU D 88 4.51 -4.47 -28.72
CA GLU D 88 3.88 -4.02 -27.50
C GLU D 88 4.06 -5.02 -26.33
N ALA D 89 4.17 -6.32 -26.60
CA ALA D 89 4.06 -7.34 -25.56
C ALA D 89 5.40 -7.70 -24.95
N VAL D 90 6.49 -7.11 -25.44
CA VAL D 90 7.83 -7.45 -24.98
C VAL D 90 8.59 -6.16 -24.73
N THR D 91 9.32 -6.08 -23.62
CA THR D 91 10.09 -4.89 -23.29
C THR D 91 11.54 -5.26 -23.00
N LEU D 92 12.46 -4.40 -23.41
CA LEU D 92 13.87 -4.55 -23.08
C LEU D 92 14.05 -4.08 -21.63
N ARG D 93 14.24 -5.02 -20.71
CA ARG D 93 14.23 -4.71 -19.29
C ARG D 93 14.88 -5.83 -18.50
N ARG D 94 15.64 -5.45 -17.47
CA ARG D 94 16.28 -6.40 -16.58
C ARG D 94 15.34 -6.76 -15.44
N MET D 95 15.36 -8.04 -15.04
CA MET D 95 14.59 -8.46 -13.88
C MET D 95 14.95 -7.65 -12.65
N GLU D 96 16.19 -7.14 -12.58
CA GLU D 96 16.60 -6.25 -11.50
C GLU D 96 15.89 -4.89 -11.55
N GLU D 97 15.10 -4.63 -12.59
CA GLU D 97 14.35 -3.39 -12.69
C GLU D 97 12.85 -3.57 -12.53
N ILE D 98 12.39 -4.79 -12.24
CA ILE D 98 10.96 -5.02 -12.04
C ILE D 98 10.47 -4.15 -10.88
N ASP D 99 9.47 -3.31 -11.17
CA ASP D 99 8.95 -2.39 -10.15
C ASP D 99 7.43 -2.32 -10.08
N GLU D 100 6.71 -3.12 -10.86
CA GLU D 100 5.25 -3.13 -10.78
C GLU D 100 4.82 -3.51 -9.37
N GLU D 101 3.62 -3.05 -8.98
CA GLU D 101 3.05 -3.36 -7.67
C GLU D 101 1.66 -3.98 -7.86
N GLY D 102 1.60 -5.30 -7.71
CA GLY D 102 0.33 -6.00 -7.77
C GLY D 102 -0.28 -6.07 -9.16
N ALA D 103 0.54 -6.00 -10.20
CA ALA D 103 0.04 -5.94 -11.56
C ALA D 103 -0.23 -7.29 -12.18
N TYR D 104 0.37 -8.37 -11.66
CA TYR D 104 0.30 -9.67 -12.29
C TYR D 104 -0.34 -10.71 -11.39
N ASP D 105 -1.05 -11.66 -12.01
CA ASP D 105 -1.54 -12.84 -11.32
C ASP D 105 -0.53 -13.97 -11.32
N LEU D 106 0.30 -14.05 -12.37
CA LEU D 106 1.29 -15.11 -12.53
C LEU D 106 2.56 -14.49 -13.07
N VAL D 107 3.70 -14.86 -12.48
CA VAL D 107 5.01 -14.49 -12.99
C VAL D 107 5.77 -15.78 -13.26
N VAL D 108 6.42 -15.85 -14.40
CA VAL D 108 7.05 -17.08 -14.89
C VAL D 108 8.48 -16.75 -15.30
N SER D 109 9.40 -17.67 -15.01
CA SER D 109 10.81 -17.51 -15.41
C SER D 109 11.35 -18.92 -15.66
N LEU D 110 11.48 -19.28 -16.93
CA LEU D 110 11.86 -20.63 -17.32
C LEU D 110 13.32 -20.68 -17.77
N CYS D 111 13.85 -21.91 -17.81
CA CYS D 111 15.18 -22.19 -18.35
C CYS D 111 16.26 -21.36 -17.69
N TRP D 112 16.21 -21.26 -16.36
CA TRP D 112 17.32 -20.84 -15.51
C TRP D 112 17.63 -19.35 -15.59
N THR D 113 16.74 -18.56 -16.19
CA THR D 113 16.94 -17.11 -16.20
C THR D 113 17.26 -16.58 -14.80
N ILE D 114 16.55 -17.08 -13.79
CA ILE D 114 16.64 -16.51 -12.45
C ILE D 114 18.07 -16.57 -11.91
N HIS D 115 18.87 -17.52 -12.38
CA HIS D 115 20.21 -17.71 -11.85
C HIS D 115 21.21 -16.72 -12.40
N TYR D 116 20.81 -15.86 -13.33
CA TYR D 116 21.66 -14.75 -13.75
C TYR D 116 21.61 -13.59 -12.77
N SER D 117 20.85 -13.72 -11.68
CA SER D 117 20.95 -12.79 -10.57
C SER D 117 22.34 -12.85 -9.95
N ALA D 118 22.79 -11.72 -9.41
CA ALA D 118 24.12 -11.63 -8.82
C ALA D 118 24.11 -12.18 -7.40
N GLY D 119 24.43 -13.46 -7.26
CA GLY D 119 24.55 -14.07 -5.96
C GLY D 119 23.22 -14.15 -5.21
N ARG D 120 23.33 -14.53 -3.94
CA ARG D 120 22.13 -14.64 -3.12
C ARG D 120 21.49 -13.28 -2.92
N ALA D 121 22.28 -12.24 -2.71
CA ALA D 121 21.71 -10.90 -2.54
C ALA D 121 20.95 -10.47 -3.79
N GLY D 122 21.46 -10.86 -4.96
CA GLY D 122 20.79 -10.48 -6.20
C GLY D 122 19.50 -11.25 -6.38
N LEU D 123 19.52 -12.55 -6.10
CA LEU D 123 18.31 -13.35 -6.19
C LEU D 123 17.26 -12.85 -5.21
N LEU D 124 17.64 -12.63 -3.95
CA LEU D 124 16.69 -12.12 -2.98
C LEU D 124 16.01 -10.86 -3.49
N ASP D 125 16.80 -9.95 -4.07
CA ASP D 125 16.25 -8.70 -4.58
C ASP D 125 15.25 -8.97 -5.70
N VAL D 126 15.58 -9.87 -6.62
CA VAL D 126 14.70 -10.16 -7.75
C VAL D 126 13.45 -10.87 -7.27
N LEU D 127 13.58 -11.81 -6.33
CA LEU D 127 12.41 -12.49 -5.79
C LEU D 127 11.52 -11.53 -5.02
N LYS D 128 12.10 -10.56 -4.32
CA LYS D 128 11.28 -9.56 -3.65
C LYS D 128 10.56 -8.68 -4.66
N ARG D 129 11.24 -8.32 -5.76
CA ARG D 129 10.59 -7.58 -6.82
C ARG D 129 9.42 -8.37 -7.42
N ILE D 130 9.59 -9.68 -7.61
CA ILE D 130 8.53 -10.51 -8.15
C ILE D 130 7.38 -10.59 -7.15
N HIS D 131 7.69 -10.77 -5.86
CA HIS D 131 6.67 -10.78 -4.83
C HIS D 131 5.86 -9.47 -4.85
N ARG D 132 6.55 -8.35 -4.97
CA ARG D 132 5.87 -7.05 -5.02
C ARG D 132 5.02 -6.90 -6.27
N ALA D 133 5.45 -7.48 -7.38
CA ALA D 133 4.74 -7.34 -8.65
C ALA D 133 3.50 -8.21 -8.74
N LEU D 134 3.39 -9.21 -7.88
CA LEU D 134 2.22 -10.08 -7.84
C LEU D 134 1.13 -9.51 -6.94
N ARG D 135 -0.13 -9.71 -7.34
CA ARG D 135 -1.25 -9.39 -6.49
C ARG D 135 -1.41 -10.45 -5.41
N PRO D 136 -2.11 -10.14 -4.32
CA PRO D 136 -2.31 -11.15 -3.26
C PRO D 136 -2.91 -12.42 -3.83
N GLY D 137 -2.38 -13.57 -3.39
CA GLY D 137 -2.77 -14.85 -3.92
C GLY D 137 -2.14 -15.19 -5.26
N GLY D 138 -1.43 -14.27 -5.88
CA GLY D 138 -0.71 -14.58 -7.10
C GLY D 138 0.34 -15.66 -6.90
N ARG D 139 0.93 -16.09 -8.01
CA ARG D 139 1.83 -17.23 -8.00
C ARG D 139 2.99 -17.01 -8.96
N GLY D 140 4.11 -17.64 -8.64
CA GLY D 140 5.30 -17.60 -9.48
C GLY D 140 5.71 -19.00 -9.84
N ILE D 141 6.11 -19.19 -11.08
CA ILE D 141 6.67 -20.45 -11.58
C ILE D 141 8.09 -20.16 -12.05
N ILE D 142 9.08 -20.72 -11.36
CA ILE D 142 10.48 -20.43 -11.62
C ILE D 142 11.20 -21.75 -11.84
N GLN D 143 11.73 -21.95 -13.04
CA GLN D 143 12.49 -23.15 -13.37
C GLN D 143 13.94 -22.91 -12.96
N ILE D 144 14.45 -23.77 -12.07
CA ILE D 144 15.75 -23.57 -11.46
C ILE D 144 16.69 -24.71 -11.87
N ALA D 145 17.97 -24.53 -11.57
CA ALA D 145 18.98 -25.55 -11.76
C ALA D 145 19.43 -26.08 -10.41
N HIS D 146 19.28 -27.39 -10.21
CA HIS D 146 19.82 -28.06 -9.03
C HIS D 146 21.17 -28.62 -9.45
N ALA D 147 22.24 -27.90 -9.10
CA ALA D 147 23.57 -28.23 -9.60
C ALA D 147 23.94 -29.68 -9.30
N ALA D 148 23.61 -30.18 -8.10
CA ALA D 148 23.97 -31.54 -7.76
C ALA D 148 23.40 -32.57 -8.72
N HIS D 149 22.34 -32.22 -9.45
CA HIS D 149 21.69 -33.12 -10.40
C HIS D 149 22.10 -32.83 -11.84
N ALA D 150 23.03 -31.91 -12.05
CA ALA D 150 23.43 -31.57 -13.41
C ALA D 150 23.92 -32.81 -14.14
N PRO D 151 23.71 -32.88 -15.45
CA PRO D 151 24.19 -34.07 -16.19
C PRO D 151 25.70 -34.23 -16.04
N LYS D 152 26.13 -35.47 -15.85
CA LYS D 152 27.54 -35.78 -15.65
C LYS D 152 28.25 -36.11 -16.96
N ARG D 153 27.81 -35.50 -18.05
CA ARG D 153 28.45 -35.63 -19.35
C ARG D 153 28.45 -34.27 -20.02
N THR D 154 29.40 -34.09 -20.95
CA THR D 154 29.35 -32.93 -21.84
C THR D 154 28.36 -33.22 -22.96
N LEU D 155 27.46 -32.28 -23.20
CA LEU D 155 26.39 -32.44 -24.18
C LEU D 155 26.81 -31.77 -25.49
N GLU D 156 26.19 -32.22 -26.57
CA GLU D 156 26.52 -31.72 -27.90
C GLU D 156 25.27 -31.56 -28.75
N SER D 157 25.23 -30.49 -29.53
CA SER D 157 24.19 -30.28 -30.53
C SER D 157 24.87 -30.00 -31.86
N ARG D 158 24.40 -30.65 -32.93
CA ARG D 158 24.90 -30.44 -34.28
C ARG D 158 23.73 -29.98 -35.15
N ILE D 159 23.91 -28.87 -35.85
CA ILE D 159 22.81 -28.24 -36.58
C ILE D 159 23.36 -27.64 -37.88
N PRO D 160 22.46 -27.45 -38.85
CA PRO D 160 22.95 -27.02 -40.18
C PRO D 160 23.60 -25.65 -40.14
N GLY D 161 24.38 -25.37 -41.17
CA GLY D 161 25.08 -24.11 -41.29
C GLY D 161 24.22 -23.03 -41.90
N PRO D 162 24.84 -21.95 -42.38
CA PRO D 162 24.04 -20.81 -42.84
C PRO D 162 23.33 -21.07 -44.15
N ASN D 163 23.90 -21.90 -45.02
CA ASN D 163 23.26 -22.29 -46.27
C ASN D 163 22.70 -23.71 -46.22
N GLY D 164 22.48 -24.25 -45.02
CA GLY D 164 22.01 -25.61 -44.87
C GLY D 164 23.09 -26.67 -44.80
N GLU D 165 24.35 -26.29 -44.74
CA GLU D 165 25.44 -27.26 -44.67
C GLU D 165 25.26 -28.16 -43.45
N PRO D 166 25.05 -29.46 -43.62
CA PRO D 166 24.82 -30.32 -42.45
C PRO D 166 26.01 -30.31 -41.50
N ASP D 167 25.70 -30.41 -40.21
CA ASP D 167 26.68 -30.51 -39.12
C ASP D 167 27.73 -29.40 -39.20
N ASP D 168 27.42 -28.30 -39.89
CA ASP D 168 28.37 -27.18 -39.98
C ASP D 168 28.54 -26.49 -38.63
N VAL D 169 27.51 -26.52 -37.79
CA VAL D 169 27.51 -25.84 -36.50
C VAL D 169 27.61 -26.91 -35.41
N VAL D 170 28.58 -26.76 -34.51
CA VAL D 170 28.76 -27.66 -33.38
C VAL D 170 28.62 -26.85 -32.10
N MET D 171 27.84 -27.35 -31.15
CA MET D 171 27.73 -26.72 -29.84
C MET D 171 27.97 -27.77 -28.78
N LEU D 172 28.75 -27.40 -27.75
CA LEU D 172 29.09 -28.28 -26.64
C LEU D 172 28.73 -27.57 -25.35
N PHE D 173 28.14 -28.30 -24.42
CA PHE D 173 27.68 -27.74 -23.16
C PHE D 173 28.19 -28.58 -22.00
N ARG D 174 28.63 -27.92 -20.95
CA ARG D 174 28.94 -28.59 -19.69
C ARG D 174 28.44 -27.73 -18.54
N PHE D 175 27.92 -28.40 -17.50
CA PHE D 175 27.35 -27.73 -16.33
C PHE D 175 28.00 -28.33 -15.08
N ARG D 176 28.78 -27.51 -14.36
CA ARG D 176 29.53 -27.95 -13.19
C ARG D 176 29.07 -27.20 -11.95
N PRO D 177 28.88 -27.88 -10.81
CA PRO D 177 28.83 -27.15 -9.53
C PRO D 177 30.12 -26.35 -9.34
N ALA D 178 29.99 -25.15 -8.84
CA ALA D 178 31.16 -24.28 -8.74
C ALA D 178 31.73 -24.31 -7.33
N PRO D 179 33.06 -24.16 -7.20
CA PRO D 179 33.68 -24.14 -5.84
C PRO D 179 33.53 -22.78 -5.17
N THR D 180 32.28 -22.46 -4.81
CA THR D 180 31.95 -21.20 -4.16
C THR D 180 31.18 -21.51 -2.88
N GLU D 181 31.13 -20.51 -1.98
CA GLU D 181 30.41 -20.71 -0.72
C GLU D 181 28.90 -20.72 -0.95
N GLU D 182 28.38 -19.75 -1.71
CA GLU D 182 26.98 -19.85 -2.13
C GLU D 182 26.87 -20.88 -3.25
N PRO D 183 25.88 -21.76 -3.20
CA PRO D 183 25.73 -22.75 -4.29
C PRO D 183 25.65 -22.07 -5.64
N SER D 184 26.61 -22.39 -6.50
CA SER D 184 26.74 -21.78 -7.82
C SER D 184 27.05 -22.87 -8.83
N MET D 185 26.95 -22.52 -10.11
CA MET D 185 27.17 -23.45 -11.21
C MET D 185 27.86 -22.72 -12.35
N HIS D 186 28.82 -23.38 -12.97
CA HIS D 186 29.43 -22.90 -14.20
C HIS D 186 28.76 -23.58 -15.38
N ALA D 187 28.09 -22.79 -16.22
CA ALA D 187 27.44 -23.30 -17.42
C ALA D 187 28.32 -22.88 -18.60
N GLU D 188 29.20 -23.77 -19.01
CA GLU D 188 30.10 -23.51 -20.13
C GLU D 188 29.49 -23.99 -21.44
N TYR D 189 29.74 -23.24 -22.51
CA TYR D 189 29.37 -23.73 -23.82
C TYR D 189 30.37 -23.26 -24.85
N VAL D 190 30.48 -24.03 -25.93
CA VAL D 190 31.31 -23.72 -27.08
C VAL D 190 30.39 -23.68 -28.29
N TYR D 191 30.55 -22.65 -29.11
CA TYR D 191 29.87 -22.55 -30.39
C TYR D 191 30.92 -22.51 -31.48
N ALA D 192 30.73 -23.33 -32.52
CA ALA D 192 31.59 -23.28 -33.70
C ALA D 192 30.71 -23.40 -34.93
N CYS D 193 30.95 -22.51 -35.90
CA CYS D 193 30.47 -22.67 -37.26
C CYS D 193 31.71 -22.91 -38.12
N LYS D 194 31.88 -24.14 -38.60
CA LYS D 194 33.11 -24.52 -39.27
C LYS D 194 33.30 -23.72 -40.55
N SER D 195 32.29 -23.70 -41.42
CA SER D 195 32.44 -23.06 -42.72
C SER D 195 32.64 -21.55 -42.59
N LEU D 196 32.12 -20.94 -41.54
CA LEU D 196 32.29 -19.52 -41.31
C LEU D 196 33.51 -19.19 -40.46
N ASN D 197 34.28 -20.20 -40.05
CA ASN D 197 35.48 -19.95 -39.26
C ASN D 197 35.16 -19.23 -37.96
N GLU D 198 34.08 -19.65 -37.30
CA GLU D 198 33.65 -19.06 -36.04
C GLU D 198 33.86 -20.04 -34.89
N LEU D 199 34.34 -19.52 -33.76
CA LEU D 199 34.54 -20.32 -32.56
C LEU D 199 34.40 -19.41 -31.36
N LEU D 200 33.62 -19.84 -30.38
CA LEU D 200 33.33 -19.02 -29.21
C LEU D 200 33.22 -19.92 -27.99
N TYR D 201 33.76 -19.45 -26.88
CA TYR D 201 33.65 -20.11 -25.58
C TYR D 201 33.16 -19.09 -24.58
N GLU D 202 32.13 -19.47 -23.81
CA GLU D 202 31.62 -18.63 -22.74
C GLU D 202 31.37 -19.49 -21.52
N ASN D 203 31.54 -18.87 -20.34
CA ASN D 203 31.31 -19.53 -19.06
C ASN D 203 30.33 -18.65 -18.29
N HIS D 204 29.08 -19.10 -18.22
CA HIS D 204 28.04 -18.36 -17.51
C HIS D 204 28.07 -18.74 -16.04
N LEU D 205 28.21 -17.74 -15.16
CA LEU D 205 28.14 -17.96 -13.73
C LEU D 205 26.66 -17.90 -13.31
N LEU D 206 26.15 -19.02 -12.83
CA LEU D 206 24.76 -19.12 -12.38
C LEU D 206 24.74 -19.19 -10.86
N SER D 207 23.95 -18.31 -10.23
CA SER D 207 23.94 -18.15 -8.79
C SER D 207 22.75 -18.86 -8.16
N MET D 208 23.00 -19.50 -7.02
CA MET D 208 21.96 -20.09 -6.18
C MET D 208 21.31 -21.29 -6.86
N THR D 209 22.15 -22.17 -7.38
CA THR D 209 21.70 -23.35 -8.12
C THR D 209 21.58 -24.52 -7.14
N ASP D 210 20.63 -24.38 -6.21
CA ASP D 210 20.31 -25.41 -5.24
C ASP D 210 18.86 -25.24 -4.83
N ALA D 211 18.08 -26.31 -4.95
CA ALA D 211 16.66 -26.22 -4.67
C ALA D 211 16.46 -25.84 -3.22
N HIS D 212 17.38 -26.34 -2.34
CA HIS D 212 17.10 -26.15 -0.93
C HIS D 212 17.17 -24.70 -0.70
N ALA D 213 18.37 -24.20 -1.12
CA ALA D 213 18.83 -22.83 -0.92
C ALA D 213 17.91 -21.83 -1.61
N PHE D 214 17.45 -22.17 -2.82
CA PHE D 214 16.51 -21.32 -3.54
C PHE D 214 15.22 -21.15 -2.75
N ALA D 215 14.66 -22.26 -2.25
CA ALA D 215 13.41 -22.17 -1.51
C ALA D 215 13.55 -21.30 -0.28
N ALA D 216 14.64 -21.46 0.47
CA ALA D 216 14.84 -20.64 1.65
C ALA D 216 14.91 -19.16 1.28
N CYS D 217 15.53 -18.85 0.14
CA CYS D 217 15.63 -17.47 -0.30
C CYS D 217 14.27 -16.94 -0.74
N ALA D 218 13.46 -17.78 -1.42
CA ALA D 218 12.09 -17.39 -1.75
C ALA D 218 11.26 -17.12 -0.49
N ARG D 219 11.48 -17.90 0.57
CA ARG D 219 10.74 -17.65 1.80
C ARG D 219 11.17 -16.34 2.44
N GLU D 220 12.46 -16.04 2.42
CA GLU D 220 12.91 -14.75 2.93
C GLU D 220 12.32 -13.61 2.10
N ALA D 221 12.12 -13.85 0.81
CA ALA D 221 11.55 -12.83 -0.05
C ALA D 221 10.10 -12.52 0.28
N GLY D 222 9.45 -13.34 1.10
CA GLY D 222 8.09 -13.10 1.53
C GLY D 222 7.08 -14.11 1.04
N PHE D 223 7.44 -15.11 0.26
CA PHE D 223 6.44 -16.00 -0.29
C PHE D 223 5.89 -16.95 0.76
N ALA D 224 4.56 -17.05 0.82
CA ALA D 224 3.92 -17.82 1.88
C ALA D 224 4.15 -19.30 1.68
N GLN D 225 3.88 -19.81 0.48
CA GLN D 225 4.24 -21.20 0.19
C GLN D 225 5.35 -21.28 -0.86
N VAL D 226 6.13 -22.37 -0.81
CA VAL D 226 7.15 -22.72 -1.79
C VAL D 226 7.03 -24.22 -2.01
N THR D 227 6.80 -24.65 -3.26
CA THR D 227 6.65 -26.05 -3.63
C THR D 227 7.57 -26.35 -4.81
N VAL D 228 8.35 -27.41 -4.71
CA VAL D 228 9.29 -27.78 -5.76
C VAL D 228 8.81 -29.07 -6.42
N TYR D 229 8.56 -29.01 -7.72
CA TYR D 229 8.17 -30.17 -8.50
C TYR D 229 9.37 -30.67 -9.30
N ASP D 230 9.41 -31.99 -9.50
CA ASP D 230 10.48 -32.55 -10.31
C ASP D 230 10.38 -32.08 -11.76
N SER D 231 9.15 -31.94 -12.24
CA SER D 231 8.91 -31.55 -13.63
C SER D 231 7.49 -31.00 -13.71
N SER D 232 7.10 -30.67 -14.93
CA SER D 232 5.72 -30.27 -15.19
C SER D 232 4.73 -31.43 -14.97
N LYS D 233 5.16 -32.62 -14.78
CA LYS D 233 4.25 -33.67 -14.41
C LYS D 233 3.59 -33.48 -13.06
N ARG D 234 4.23 -32.71 -12.25
CA ARG D 234 3.90 -32.43 -10.87
C ARG D 234 4.30 -33.52 -9.88
N ALA D 235 5.27 -34.37 -10.20
CA ALA D 235 5.85 -35.24 -9.19
C ALA D 235 6.70 -34.41 -8.23
N PRO D 236 6.80 -34.81 -6.97
CA PRO D 236 7.69 -34.09 -6.05
C PRO D 236 9.15 -34.20 -6.49
N PHE D 237 9.92 -33.20 -6.10
CA PHE D 237 11.33 -33.13 -6.48
C PHE D 237 12.07 -34.40 -6.09
N SER D 238 12.77 -34.98 -7.06
CA SER D 238 13.61 -36.15 -6.79
C SER D 238 15.02 -35.92 -7.34
N ALA D 239 15.19 -36.10 -8.65
CA ALA D 239 16.53 -36.03 -9.25
C ALA D 239 16.61 -35.13 -10.48
N ALA D 240 15.57 -34.36 -10.78
CA ALA D 240 15.59 -33.54 -11.98
C ALA D 240 16.70 -32.50 -11.87
N PRO D 241 17.43 -32.22 -12.97
CA PRO D 241 18.39 -31.12 -12.94
C PRO D 241 17.74 -29.75 -13.08
N ASN D 242 16.50 -29.67 -13.57
CA ASN D 242 15.83 -28.40 -13.86
C ASN D 242 14.43 -28.43 -13.28
N PRO D 243 14.31 -28.53 -11.96
CA PRO D 243 12.98 -28.59 -11.34
C PRO D 243 12.24 -27.26 -11.41
N LEU D 244 10.93 -27.33 -11.19
CA LEU D 244 10.06 -26.17 -11.21
C LEU D 244 9.70 -25.78 -9.78
N VAL D 245 9.99 -24.53 -9.41
CA VAL D 245 9.63 -24.01 -8.11
C VAL D 245 8.38 -23.15 -8.26
N CYS D 246 7.33 -23.48 -7.50
CA CYS D 246 6.09 -22.72 -7.52
C CYS D 246 5.93 -22.01 -6.19
N VAL D 247 5.77 -20.70 -6.24
CA VAL D 247 5.66 -19.87 -5.05
C VAL D 247 4.30 -19.19 -5.10
N GLU D 248 3.73 -18.98 -3.92
CA GLU D 248 2.45 -18.28 -3.80
C GLU D 248 2.61 -17.10 -2.85
N LYS D 249 2.13 -15.93 -3.29
CA LYS D 249 2.05 -14.76 -2.43
C LYS D 249 0.83 -14.91 -1.53
N ALA D 250 1.01 -14.64 -0.24
CA ALA D 250 -0.08 -14.77 0.71
C ALA D 250 -1.31 -14.00 0.23
N HIS D 251 -2.48 -14.56 0.50
CA HIS D 251 -3.70 -13.84 0.16
C HIS D 251 -3.96 -12.72 1.15
N ASP D 252 -3.66 -12.95 2.42
CA ASP D 252 -3.87 -11.97 3.49
C ASP D 252 -5.16 -11.17 3.20
C1 GOL E . -29.84 -18.00 0.16
O1 GOL E . -30.05 -16.85 -0.60
C2 GOL E . -31.21 -18.44 0.70
O2 GOL E . -31.09 -19.57 1.50
C3 GOL E . -31.73 -17.23 1.46
O3 GOL E . -33.01 -17.56 1.97
H11 GOL E . -29.23 -17.85 0.90
H12 GOL E . -29.45 -18.72 -0.35
HO1 GOL E . -29.29 -16.57 -0.86
H2 GOL E . -31.82 -18.68 -0.02
HO2 GOL E . -31.87 -19.92 1.59
H31 GOL E . -31.74 -16.47 0.87
H32 GOL E . -31.08 -17.01 2.16
HO3 GOL E . -33.57 -17.35 1.34
C1 GOL F . -7.83 -15.95 -5.92
O1 GOL F . -9.17 -15.92 -6.33
C2 GOL F . -7.09 -16.99 -6.77
O2 GOL F . -6.99 -16.68 -8.11
C3 GOL F . -5.69 -17.00 -6.10
O3 GOL F . -5.52 -18.28 -5.57
H11 GOL F . -7.73 -16.17 -4.99
H12 GOL F . -7.39 -15.09 -6.04
HO1 GOL F . -9.18 -16.17 -7.16
H2 GOL F . -7.55 -17.85 -6.75
HO2 GOL F . -7.73 -16.91 -8.47
H31 GOL F . -5.66 -16.30 -5.43
H32 GOL F . -5.03 -16.76 -6.76
HO3 GOL F . -4.75 -18.29 -5.17
N SAH G . -31.70 -13.75 -1.88
CA SAH G . -31.27 -13.23 -0.57
CB SAH G . -32.49 -13.16 0.35
CG SAH G . -32.30 -12.29 1.58
SD SAH G . -33.50 -10.94 1.69
C SAH G . -30.16 -13.99 0.11
O SAH G . -29.01 -13.86 -0.29
OXT SAH G . -30.37 -14.75 1.04
C5' SAH G . -32.39 -9.72 2.44
C4' SAH G . -31.52 -10.28 3.56
O4' SAH G . -30.55 -9.30 3.91
C3' SAH G . -32.24 -10.64 4.86
O3' SAH G . -31.74 -11.90 5.27
C2' SAH G . -31.88 -9.57 5.88
O2' SAH G . -31.76 -10.10 7.18
C1' SAH G . -30.53 -9.06 5.32
N9 SAH G . -30.14 -7.68 5.62
C8 SAH G . -30.94 -6.58 5.62
N7 SAH G . -30.18 -5.55 6.00
C5 SAH G . -28.93 -5.99 6.26
C6 SAH G . -27.77 -5.35 6.68
N6 SAH G . -27.78 -4.03 6.91
N1 SAH G . -26.62 -6.08 6.84
C2 SAH G . -26.59 -7.43 6.59
N3 SAH G . -27.74 -8.07 6.19
C4 SAH G . -28.89 -7.35 6.01
HA SAH G . -30.89 -12.34 -0.72
HB1 SAH G . -32.74 -14.17 0.66
HB2 SAH G . -33.34 -12.77 -0.23
HG1 SAH G . -31.30 -11.87 1.57
HG2 SAH G . -32.39 -12.92 2.47
H5'1 SAH G . -33.00 -8.90 2.85
H5'2 SAH G . -31.76 -9.31 1.66
H4' SAH G . -31.11 -11.20 3.14
H3' SAH G . -33.31 -10.71 4.74
HO3' SAH G . -31.31 -11.82 6.15
H2' SAH G . -32.63 -8.79 6.01
HO2' SAH G . -30.86 -9.95 7.51
H1' SAH G . -29.76 -9.63 5.85
H8 SAH G . -32.00 -6.55 5.36
HN61 SAH G . -28.64 -3.50 6.78
HN62 SAH G . -26.94 -3.56 7.22
H2 SAH G . -25.67 -7.99 6.71
C1 GOL H . -47.73 -29.75 2.42
O1 GOL H . -48.72 -30.71 1.98
C2 GOL H . -48.30 -29.09 3.63
O2 GOL H . -48.44 -27.69 3.47
C3 GOL H . -47.39 -29.45 4.81
O3 GOL H . -46.04 -29.43 4.42
H11 GOL H . -47.53 -29.09 1.74
H12 GOL H . -46.88 -30.16 2.64
HO1 GOL H . -49.12 -30.38 1.32
H2 GOL H . -49.20 -29.44 3.78
HO2 GOL H . -48.76 -27.36 4.18
H31 GOL H . -47.67 -30.32 5.14
H32 GOL H . -47.59 -28.83 5.53
HO3 GOL H . -45.75 -28.66 4.45
C1 GOL I . 7.27 17.20 5.28
O1 GOL I . 6.24 17.23 6.23
C2 GOL I . 8.35 18.18 5.69
O2 GOL I . 8.51 19.16 4.69
C3 GOL I . 7.91 18.75 7.00
O3 GOL I . 8.12 17.76 7.99
H11 GOL I . 6.94 17.43 4.39
H12 GOL I . 7.66 16.32 5.18
HO1 GOL I . 5.63 16.72 5.96
H2 GOL I . 9.21 17.75 5.80
HO2 GOL I . 7.72 19.42 4.46
H31 GOL I . 6.97 19.03 6.93
H32 GOL I . 8.40 19.57 7.18
HO3 GOL I . 7.32 17.47 8.17
N SAH J . 36.20 10.38 0.33
CA SAH J . 36.39 8.97 0.02
CB SAH J . 35.12 8.15 0.24
CG SAH J . 34.24 8.56 1.43
SD SAH J . 34.09 7.30 2.74
C SAH J . 36.87 8.82 -1.43
O SAH J . 38.05 8.99 -1.74
OXT SAH J . 36.09 8.54 -2.35
C5' SAH J . 32.85 6.33 1.84
C4' SAH J . 32.13 5.39 2.80
O4' SAH J . 31.02 4.72 2.20
C3' SAH J . 33.01 4.25 3.35
O3' SAH J . 32.81 4.16 4.74
C2' SAH J . 32.57 2.95 2.67
O2' SAH J . 32.73 1.84 3.48
C1' SAH J . 31.09 3.30 2.35
N9 SAH J . 30.50 2.63 1.20
C8 SAH J . 31.05 2.44 -0.03
N7 SAH J . 30.17 1.75 -0.76
C5 SAH J . 29.07 1.48 -0.02
C6 SAH J . 27.88 0.80 -0.29
N6 SAH J . 27.67 0.27 -1.49
N1 SAH J . 26.93 0.70 0.69
C2 SAH J . 27.15 1.25 1.93
N3 SAH J . 28.33 1.91 2.20
C4 SAH J . 29.27 2.02 1.23
HN1 SAH J . 35.46 10.71 0.04
HN2 SAH J . 36.89 10.88 0.15
HA SAH J . 37.06 8.59 0.62
HB1 SAH J . 35.40 7.11 0.38
HB2 SAH J . 34.52 8.22 -0.66
HG1 SAH J . 33.24 8.79 1.06
HG2 SAH J . 34.65 9.47 1.86
H5'1 SAH J . 33.33 5.76 1.05
H5'2 SAH J . 32.13 7.01 1.38
H4' SAH J . 31.81 6.06 3.60
H3' SAH J . 34.07 4.44 3.17
HO3' SAH J . 32.37 3.30 4.94
H2' SAH J . 33.15 2.68 1.78
HO2' SAH J . 31.86 1.41 3.62
H1' SAH J . 30.52 2.91 3.19
H8 SAH J . 32.04 2.79 -0.36
HN61 SAH J . 28.38 0.35 -2.22
HN62 SAH J . 26.80 -0.21 -1.68
H2 SAH J . 26.38 1.16 2.71
C1 GOL K . 12.20 -3.82 -4.38
O1 GOL K . 13.24 -2.96 -4.79
C2 GOL K . 12.76 -4.60 -3.18
O2 GOL K . 13.37 -3.81 -2.21
C3 GOL K . 11.50 -5.34 -2.64
O3 GOL K . 10.94 -4.50 -1.66
H11 GOL K . 11.93 -4.43 -5.07
H12 GOL K . 11.40 -3.34 -4.12
H2 GOL K . 13.45 -5.21 -3.47
H31 GOL K . 11.77 -6.21 -2.29
H32 GOL K . 10.90 -5.54 -3.37
HO3 GOL K . 11.60 -4.10 -1.27
C1 GOL L . -15.71 3.64 32.06
O1 GOL L . -14.56 4.08 31.47
C2 GOL L . -16.23 4.78 32.95
O2 GOL L . -17.54 4.53 33.37
C3 GOL L . -15.24 4.84 34.09
O3 GOL L . -14.46 6.03 33.90
H11 GOL L . -15.57 2.85 32.61
H12 GOL L . -16.39 3.40 31.42
H2 GOL L . -16.26 5.63 32.48
HO2 GOL L . -17.78 5.17 33.86
H31 GOL L . -14.70 4.03 34.09
H32 GOL L . -15.71 4.84 34.93
HO3 GOL L . -14.66 6.57 34.51
C1 GOL M . 8.81 13.49 13.45
O1 GOL M . 8.56 14.69 12.65
C2 GOL M . 8.05 12.48 12.70
O2 GOL M . 8.93 11.53 12.05
C3 GOL M . 7.14 11.69 13.65
O3 GOL M . 7.20 12.22 14.92
H11 GOL M . 8.49 13.57 14.36
H12 GOL M . 9.75 13.25 13.51
HO1 GOL M . 9.11 14.70 11.98
H2 GOL M . 7.54 12.97 12.05
HO2 GOL M . 8.75 11.46 11.23
H31 GOL M . 7.42 10.76 13.62
H32 GOL M . 6.25 11.71 13.28
N SAH N . -14.71 24.34 17.28
CA SAH N . -15.47 24.68 16.06
CB SAH N . -16.91 24.15 16.16
CG SAH N . -17.04 22.62 15.99
SD SAH N . -18.48 21.88 16.82
C SAH N . -15.42 26.19 15.79
O SAH N . -14.34 26.78 15.68
OXT SAH N . -16.46 26.83 15.61
C5' SAH N . -18.54 20.31 15.90
C4' SAH N . -18.34 20.43 14.39
O4' SAH N . -18.24 19.16 13.73
C3' SAH N . -19.46 21.18 13.67
O3' SAH N . -18.90 22.21 12.91
C2' SAH N . -20.17 20.16 12.76
O2' SAH N . -20.61 20.72 11.57
C1' SAH N . -19.06 19.12 12.55
N9 SAH N . -19.45 17.76 12.20
C8 SAH N . -20.41 17.00 12.76
N7 SAH N . -20.42 15.82 12.09
C5 SAH N . -19.47 15.85 11.12
C6 SAH N . -19.08 14.92 10.15
N6 SAH N . -19.65 13.73 10.06
N1 SAH N . -18.07 15.24 9.28
C2 SAH N . -17.45 16.47 9.35
N3 SAH N . -17.85 17.39 10.30
C4 SAH N . -18.85 17.08 11.17
HN1 SAH N . -14.77 23.51 17.52
HN2 SAH N . -13.92 24.68 17.33
HA SAH N . -15.05 24.24 15.29
HB1 SAH N . -17.52 24.65 15.41
HB2 SAH N . -17.31 24.42 17.15
HG1 SAH N . -16.13 22.15 16.37
HG2 SAH N . -17.09 22.40 14.91
H5'1 SAH N . -19.50 19.84 16.08
H5'2 SAH N . -17.76 19.65 16.30
H4' SAH N . -17.40 20.98 14.30
H3' SAH N . -20.18 21.62 14.36
HO3' SAH N . -19.11 22.08 11.96
H2' SAH N . -21.09 19.76 13.17
HO2' SAH N . -20.21 20.23 10.81
H1' SAH N . -18.53 19.43 11.65
H8 SAH N . -21.07 17.28 13.58
HN61 SAH N . -20.40 13.48 10.70
HN62 SAH N . -19.34 13.08 9.35
H2 SAH N . -16.64 16.72 8.66
N SAH O . 12.92 -18.16 -20.70
CA SAH O . 13.38 -18.40 -22.06
CB SAH O . 14.85 -18.03 -22.24
CG SAH O . 15.88 -18.71 -21.34
SD SAH O . 17.61 -18.34 -21.81
C SAH O . 13.15 -19.87 -22.43
O SAH O . 13.28 -20.26 -23.60
OXT SAH O . 12.87 -20.71 -21.56
C5' SAH O . 17.80 -17.11 -20.50
C4' SAH O . 17.22 -15.76 -20.90
O4' SAH O . 17.22 -14.83 -19.82
C3' SAH O . 17.98 -15.06 -22.04
O3' SAH O . 17.04 -14.64 -23.00
C2' SAH O . 18.68 -13.82 -21.45
O2' SAH O . 18.68 -12.76 -22.35
C1' SAH O . 17.78 -13.57 -20.22
N9 SAH O . 18.37 -12.88 -19.08
C8 SAH O . 19.59 -13.10 -18.53
N7 SAH O . 19.75 -12.22 -17.51
C5 SAH O . 18.62 -11.45 -17.43
C6 SAH O . 18.26 -10.40 -16.59
N6 SAH O . 19.07 -9.97 -15.63
N1 SAH O . 17.04 -9.79 -16.76
C2 SAH O . 16.17 -10.21 -17.75
N3 SAH O . 16.55 -11.25 -18.59
C4 SAH O . 17.75 -11.85 -18.43
HN1 SAH O . 13.52 -17.81 -20.19
HN2 SAH O . 12.09 -18.35 -20.56
HA SAH O . 12.87 -17.84 -22.68
HB1 SAH O . 14.92 -16.95 -22.08
HB2 SAH O . 15.12 -18.24 -23.27
HG1 SAH O . 15.72 -19.79 -21.39
HG2 SAH O . 15.72 -18.39 -20.30
H5'1 SAH O . 18.87 -16.99 -20.27
H5'2 SAH O . 17.31 -17.46 -19.59
H4' SAH O . 16.22 -16.01 -21.22
H3' SAH O . 18.72 -15.71 -22.51
HO3' SAH O . 17.03 -13.66 -23.06
H2' SAH O . 19.74 -13.95 -21.20
HO2' SAH O . 18.14 -12.02 -21.98
H1' SAH O . 17.04 -12.86 -20.58
H8 SAH O . 20.32 -13.85 -18.83
HN61 SAH O . 19.97 -10.41 -15.50
HN62 SAH O . 18.78 -9.21 -15.02
H2 SAH O . 15.21 -9.74 -17.87
#